data_6FV1
#
_entry.id   6FV1
#
_cell.length_a   133.862
_cell.length_b   211.327
_cell.length_c   118.317
_cell.angle_alpha   90.00
_cell.angle_beta   90.00
_cell.angle_gamma   90.00
#
_symmetry.space_group_name_H-M   'C 2 2 21'
#
loop_
_entity.id
_entity.type
_entity.pdbx_description
1 polymer '3C-like proteinase'
2 non-polymer (2~{S})-4-methyl-~{N}-[(2~{S},3~{R})-3-oxidanyl-4-oxidanylidene-1-[(3~{S})-2-oxidanylidenepyrrolidin-3-yl]-4-[(phenylmethyl)amino]butan-2-yl]-2-[[(~{E})-3-phenylprop-2-enoyl]amino]pentanamide
3 non-polymer GLYCEROL
4 non-polymer 'DIMETHYL SULFOXIDE'
5 non-polymer 'SULFATE ION'
6 water water
#
_entity_poly.entity_id   1
_entity_poly.type   'polypeptide(L)'
_entity_poly.pdbx_seq_one_letter_code
;SGLKKMAQPSGCVERCVVRVCYGSTVLNGVWLGDTVTCPRHVIAPSTTVLIDYDHAYSTMRLHNFSVSHNGVFLGVVGVT
MHGSVLRIKVSQSNVHTPKHVFKTLKPGDSFNILACYEGIASGVFGVNLRTNFTIKGSFINGACGSPGYNVRNDGTVEFC
YLHQIELGSGAHVGSDFTGSVYGNFDDQPSLQVESANLMLSDNVVAFLYAALLNGCRWWLCSTRVNVDGFNEWAMANGYT
SVSSVECYSILAAKTGVSVEQLLASIQHLHEGFGGKNILGYSSLCDEFTLAEVVKQMYGVNHHHHH
;
_entity_poly.pdbx_strand_id   A,B,C
#
loop_
_chem_comp.id
_chem_comp.type
_chem_comp.name
_chem_comp.formula
DMS non-polymer 'DIMETHYL SULFOXIDE' 'C2 H6 O S'
E8E non-polymer (2~{S})-4-methyl-~{N}-[(2~{S},3~{R})-3-oxidanyl-4-oxidanylidene-1-[(3~{S})-2-oxidanylidenepyrrolidin-3-yl]-4-[(phenylmethyl)amino]butan-2-yl]-2-[[(~{E})-3-phenylprop-2-enoyl]amino]pentanamide 'C30 H38 N4 O5'
GOL non-polymer GLYCEROL 'C3 H8 O3'
SO4 non-polymer 'SULFATE ION' 'O4 S -2'
#
# COMPACT_ATOMS: atom_id res chain seq x y z
N SER A 1 29.16 11.94 -14.23
CA SER A 1 30.28 12.64 -13.57
C SER A 1 29.97 13.89 -12.81
N GLY A 2 30.93 14.17 -11.91
CA GLY A 2 30.91 15.33 -11.04
C GLY A 2 30.30 14.99 -9.67
N LEU A 3 30.58 15.86 -8.72
CA LEU A 3 30.07 15.73 -7.39
C LEU A 3 29.66 17.07 -6.94
N LYS A 4 28.45 17.17 -6.46
CA LYS A 4 27.85 18.53 -6.21
C LYS A 4 26.96 18.37 -5.02
N LYS A 5 27.12 19.26 -4.03
CA LYS A 5 26.24 19.26 -2.89
C LYS A 5 24.85 19.73 -3.27
N MET A 6 23.86 18.85 -3.15
CA MET A 6 22.52 19.18 -3.64
C MET A 6 21.51 19.19 -2.53
N ALA A 7 20.41 19.86 -2.78
CA ALA A 7 19.29 19.71 -1.93
C ALA A 7 18.27 18.77 -2.54
N GLN A 8 17.54 18.02 -1.68
CA GLN A 8 16.40 17.34 -2.13
C GLN A 8 15.33 18.37 -2.46
N PRO A 9 14.51 18.04 -3.45
CA PRO A 9 13.54 19.02 -3.87
C PRO A 9 12.62 19.48 -2.77
N SER A 10 12.29 20.76 -2.84
CA SER A 10 11.72 21.45 -1.73
C SER A 10 10.17 21.63 -1.83
N GLY A 11 9.54 21.23 -2.91
CA GLY A 11 8.11 21.50 -3.10
C GLY A 11 7.08 21.15 -1.99
N CYS A 12 7.19 19.90 -1.53
CA CYS A 12 6.45 19.36 -0.39
C CYS A 12 6.65 20.16 0.91
N VAL A 13 7.81 20.75 1.10
CA VAL A 13 8.07 21.53 2.31
C VAL A 13 7.65 23.01 2.17
N GLU A 14 7.74 23.54 0.98
CA GLU A 14 7.44 24.97 0.75
C GLU A 14 6.05 25.39 1.15
N ARG A 15 5.13 24.44 1.10
CA ARG A 15 3.74 24.70 1.39
C ARG A 15 3.45 24.58 2.88
N CYS A 16 4.44 24.21 3.68
CA CYS A 16 4.28 24.09 5.09
C CYS A 16 4.75 25.27 5.86
N VAL A 17 5.22 26.32 5.23
CA VAL A 17 5.85 27.37 5.96
C VAL A 17 4.89 28.53 6.15
N VAL A 18 4.86 29.10 7.35
CA VAL A 18 3.91 30.20 7.66
C VAL A 18 4.65 31.31 8.43
N ARG A 19 4.08 32.49 8.38
CA ARG A 19 4.53 33.65 9.09
C ARG A 19 3.89 33.71 10.49
N VAL A 20 4.72 33.81 11.52
CA VAL A 20 4.25 33.88 12.91
C VAL A 20 4.76 35.18 13.52
N CYS A 21 3.81 36.01 13.95
CA CYS A 21 4.11 37.27 14.55
C CYS A 21 3.59 37.21 15.99
N TYR A 22 4.37 37.63 16.97
CA TYR A 22 3.88 37.86 18.31
C TYR A 22 4.37 39.25 18.73
N GLY A 23 3.45 40.16 18.96
CA GLY A 23 3.82 41.54 19.19
C GLY A 23 4.35 42.15 17.90
N SER A 24 5.58 42.63 17.97
CA SER A 24 6.32 43.07 16.82
C SER A 24 7.40 42.02 16.40
N THR A 25 7.55 40.90 17.08
CA THR A 25 8.50 39.89 16.63
C THR A 25 7.90 38.99 15.52
N VAL A 26 8.60 38.90 14.40
CA VAL A 26 8.16 38.10 13.28
C VAL A 26 9.19 36.99 12.97
N LEU A 27 8.72 35.77 12.81
CA LEU A 27 9.60 34.72 12.32
C LEU A 27 8.81 33.66 11.61
N ASN A 28 9.40 32.49 11.34
CA ASN A 28 8.70 31.49 10.57
C ASN A 28 8.16 30.40 11.45
N GLY A 29 7.12 29.73 10.99
CA GLY A 29 6.68 28.48 11.61
C GLY A 29 6.39 27.38 10.57
N VAL A 30 6.15 26.15 11.06
CA VAL A 30 5.89 25.05 10.17
C VAL A 30 4.52 24.51 10.52
N TRP A 31 3.66 24.47 9.51
CA TRP A 31 2.28 24.17 9.56
C TRP A 31 2.04 22.77 9.00
N LEU A 32 1.70 21.88 9.91
CA LEU A 32 1.46 20.50 9.61
C LEU A 32 0.14 20.10 10.33
N GLY A 33 -0.84 19.64 9.57
CA GLY A 33 -2.16 19.36 10.13
C GLY A 33 -2.69 20.68 10.63
N ASP A 34 -3.16 20.69 11.85
CA ASP A 34 -3.66 21.93 12.45
C ASP A 34 -2.71 22.51 13.51
N THR A 35 -1.41 22.14 13.39
CA THR A 35 -0.42 22.62 14.34
C THR A 35 0.67 23.41 13.60
N VAL A 36 1.08 24.55 14.17
CA VAL A 36 2.15 25.34 13.68
C VAL A 36 3.24 25.26 14.74
N THR A 37 4.41 24.75 14.35
CA THR A 37 5.57 24.73 15.23
C THR A 37 6.49 25.90 14.98
N CYS A 38 6.92 26.61 16.04
CA CYS A 38 7.86 27.70 15.90
C CYS A 38 8.74 27.85 17.08
N PRO A 39 9.83 28.61 16.92
CA PRO A 39 10.71 28.81 18.09
C PRO A 39 10.06 29.63 19.20
N ARG A 40 10.23 29.20 20.42
CA ARG A 40 9.51 29.83 21.54
C ARG A 40 9.95 31.25 21.80
N HIS A 41 11.14 31.61 21.36
CA HIS A 41 11.53 33.01 21.53
C HIS A 41 10.76 34.07 20.79
N VAL A 42 9.80 33.64 19.96
CA VAL A 42 8.92 34.58 19.33
C VAL A 42 8.08 35.37 20.43
N ILE A 43 7.82 34.80 21.60
CA ILE A 43 7.11 35.50 22.71
C ILE A 43 8.03 36.21 23.70
N ALA A 44 9.32 36.26 23.41
CA ALA A 44 10.22 36.97 24.25
C ALA A 44 10.01 38.46 24.15
N PRO A 45 10.01 39.14 25.30
CA PRO A 45 9.83 40.62 25.24
C PRO A 45 11.01 41.31 24.61
N SER A 46 12.17 40.73 24.81
CA SER A 46 13.37 41.13 24.09
C SER A 46 14.24 39.86 23.89
N THR A 47 14.92 39.74 22.75
CA THR A 47 15.85 38.63 22.52
C THR A 47 17.34 39.08 22.65
N THR A 48 17.56 40.29 23.15
CA THR A 48 18.90 40.84 23.37
C THR A 48 19.35 40.76 24.85
N VAL A 49 18.47 40.33 25.76
CA VAL A 49 18.80 40.13 27.20
C VAL A 49 18.19 38.82 27.68
N LEU A 50 18.71 38.25 28.75
CA LEU A 50 18.25 36.93 29.22
C LEU A 50 16.72 36.85 29.30
N ILE A 51 16.19 35.68 28.98
CA ILE A 51 14.74 35.56 28.78
C ILE A 51 14.28 34.64 29.87
N ASP A 52 13.24 35.09 30.57
CA ASP A 52 12.51 34.28 31.53
C ASP A 52 11.31 33.70 30.79
N TYR A 53 11.48 32.48 30.39
CA TYR A 53 10.51 31.88 29.50
C TYR A 53 9.22 31.50 30.21
N ASP A 54 9.31 30.99 31.42
CA ASP A 54 8.10 30.68 32.25
C ASP A 54 7.22 31.93 32.41
N HIS A 55 7.83 33.04 32.81
CA HIS A 55 7.15 34.33 32.88
C HIS A 55 6.59 34.75 31.52
N ALA A 56 7.39 34.63 30.45
CA ALA A 56 6.91 35.08 29.14
C ALA A 56 5.76 34.24 28.67
N TYR A 57 5.83 32.94 28.93
CA TYR A 57 4.74 32.04 28.54
C TYR A 57 3.44 32.27 29.34
N SER A 58 3.58 32.55 30.64
CA SER A 58 2.36 32.70 31.49
C SER A 58 1.66 34.07 31.28
N THR A 59 2.40 35.14 31.00
CA THR A 59 1.94 36.43 30.49
C THR A 59 1.46 36.47 29.06
N MET A 60 1.71 35.42 28.29
CA MET A 60 1.42 35.45 26.86
C MET A 60 -0.08 35.55 26.70
N ARG A 61 -0.55 36.31 25.73
CA ARG A 61 -1.97 36.26 25.38
C ARG A 61 -2.12 35.91 23.93
N LEU A 62 -3.06 34.99 23.69
CA LEU A 62 -3.39 34.56 22.33
C LEU A 62 -3.60 35.68 21.35
N HIS A 63 -4.26 36.72 21.77
CA HIS A 63 -4.63 37.76 20.83
C HIS A 63 -3.44 38.53 20.29
N ASN A 64 -2.29 38.44 20.95
CA ASN A 64 -1.07 39.02 20.36
C ASN A 64 -0.43 38.22 19.21
N PHE A 65 -0.79 36.94 19.04
CA PHE A 65 -0.38 36.15 17.85
C PHE A 65 -1.06 36.62 16.59
N SER A 66 -0.32 36.66 15.48
CA SER A 66 -0.92 36.73 14.14
C SER A 66 -0.23 35.71 13.26
N VAL A 67 -0.89 34.59 12.97
CA VAL A 67 -0.34 33.55 12.14
C VAL A 67 -1.02 33.61 10.78
N SER A 68 -0.22 33.67 9.69
CA SER A 68 -0.68 33.70 8.30
C SER A 68 0.16 32.83 7.32
N HIS A 69 -0.54 32.24 6.32
CA HIS A 69 0.02 31.41 5.21
C HIS A 69 -0.24 32.11 3.98
N ASN A 70 0.80 32.75 3.47
CA ASN A 70 0.81 33.47 2.18
C ASN A 70 -0.24 34.58 2.25
N GLY A 71 -0.28 35.36 3.34
CA GLY A 71 -1.22 36.54 3.51
C GLY A 71 -2.63 36.26 4.05
N VAL A 72 -2.98 34.98 4.05
CA VAL A 72 -4.22 34.47 4.50
C VAL A 72 -4.13 34.21 5.98
N PHE A 73 -5.06 34.78 6.65
CA PHE A 73 -5.10 34.64 8.05
C PHE A 73 -5.41 33.25 8.59
N LEU A 74 -4.84 32.92 9.75
CA LEU A 74 -4.93 31.59 10.30
C LEU A 74 -5.19 31.77 11.76
N GLY A 75 -6.36 31.39 12.22
CA GLY A 75 -6.73 31.63 13.62
C GLY A 75 -6.02 30.72 14.61
N VAL A 76 -5.61 31.34 15.72
CA VAL A 76 -5.01 30.69 16.79
C VAL A 76 -6.03 30.23 17.85
N VAL A 77 -6.01 28.95 18.14
CA VAL A 77 -6.86 28.37 19.12
C VAL A 77 -6.14 28.10 20.46
N GLY A 78 -4.89 27.69 20.39
CA GLY A 78 -4.13 27.29 21.57
C GLY A 78 -2.63 27.25 21.31
N VAL A 79 -1.86 27.37 22.39
CA VAL A 79 -0.44 27.33 22.39
C VAL A 79 0.05 26.48 23.53
N THR A 80 0.91 25.50 23.23
CA THR A 80 1.71 24.83 24.28
C THR A 80 3.20 24.99 24.05
N MET A 81 3.99 24.79 25.12
CA MET A 81 5.45 24.99 25.07
C MET A 81 6.10 23.67 25.24
N HIS A 82 7.08 23.32 24.38
CA HIS A 82 7.80 22.04 24.43
C HIS A 82 9.27 22.35 24.14
N GLY A 83 10.09 22.23 25.18
CA GLY A 83 11.43 22.70 25.19
C GLY A 83 11.50 24.10 24.57
N SER A 84 12.19 24.21 23.44
CA SER A 84 12.47 25.50 22.80
C SER A 84 11.49 25.85 21.73
N VAL A 85 10.43 25.08 21.56
CA VAL A 85 9.36 25.42 20.58
C VAL A 85 7.95 25.64 21.19
N LEU A 86 7.10 26.34 20.42
CA LEU A 86 5.70 26.42 20.62
C LEU A 86 5.02 25.54 19.61
N ARG A 87 3.93 24.92 20.06
CA ARG A 87 3.04 24.26 19.22
C ARG A 87 1.75 25.05 19.26
N ILE A 88 1.43 25.71 18.16
CA ILE A 88 0.32 26.59 18.08
C ILE A 88 -0.77 25.83 17.36
N LYS A 89 -1.89 25.55 18.06
CA LYS A 89 -3.04 24.94 17.40
C LYS A 89 -3.74 26.03 16.66
N VAL A 90 -4.09 25.79 15.42
CA VAL A 90 -4.71 26.74 14.62
C VAL A 90 -6.06 26.17 14.14
N SER A 91 -6.92 27.06 13.65
CA SER A 91 -8.30 26.64 13.24
C SER A 91 -8.43 26.08 11.87
N GLN A 92 -7.38 26.13 11.03
CA GLN A 92 -7.45 25.49 9.74
C GLN A 92 -6.35 24.52 9.68
N SER A 93 -6.61 23.43 8.97
CA SER A 93 -5.66 22.42 8.73
C SER A 93 -4.96 22.67 7.41
N ASN A 94 -3.67 22.33 7.35
CA ASN A 94 -2.91 22.48 6.09
C ASN A 94 -3.24 21.30 5.16
N VAL A 95 -3.93 21.56 4.05
CA VAL A 95 -4.36 20.47 3.19
C VAL A 95 -3.20 19.98 2.33
N HIS A 96 -2.13 20.74 2.24
CA HIS A 96 -0.89 20.27 1.67
C HIS A 96 0.09 19.66 2.65
N THR A 97 -0.36 19.17 3.79
CA THR A 97 0.53 18.53 4.73
C THR A 97 1.04 17.25 4.09
N PRO A 98 2.37 17.07 3.97
CA PRO A 98 2.88 15.88 3.34
C PRO A 98 2.90 14.76 4.31
N LYS A 99 3.03 13.56 3.78
CA LYS A 99 3.30 12.42 4.64
C LYS A 99 4.62 12.72 5.34
N HIS A 100 4.68 12.63 6.67
CA HIS A 100 5.88 13.01 7.44
C HIS A 100 6.06 12.33 8.77
N VAL A 101 7.26 12.44 9.31
CA VAL A 101 7.60 12.09 10.64
C VAL A 101 8.50 13.16 11.20
N PHE A 102 8.79 13.06 12.48
CA PHE A 102 9.80 13.82 13.11
C PHE A 102 10.96 12.91 13.36
N LYS A 103 12.17 13.44 13.11
CA LYS A 103 13.37 12.72 13.38
C LYS A 103 14.45 13.59 13.91
N THR A 104 15.23 13.07 14.85
CA THR A 104 16.33 13.81 15.43
C THR A 104 17.65 13.42 14.73
N LEU A 105 18.42 14.41 14.30
CA LEU A 105 19.70 14.16 13.61
C LEU A 105 20.78 13.72 14.60
N LYS A 106 21.81 13.03 14.07
CA LYS A 106 23.01 12.71 14.82
C LYS A 106 24.12 13.37 14.07
N PRO A 107 25.21 13.68 14.73
CA PRO A 107 26.30 14.22 13.97
C PRO A 107 26.74 13.34 12.79
N GLY A 108 27.18 13.99 11.72
CA GLY A 108 27.41 13.32 10.45
C GLY A 108 26.22 13.16 9.51
N ASP A 109 25.00 13.29 9.99
CA ASP A 109 23.86 13.20 9.09
C ASP A 109 23.79 14.44 8.17
N SER A 110 23.61 14.22 6.89
CA SER A 110 23.20 15.25 5.94
C SER A 110 21.71 15.57 6.05
N PHE A 111 21.34 16.79 5.73
CA PHE A 111 19.95 17.13 5.58
C PHE A 111 19.84 18.41 4.77
N ASN A 112 18.60 18.86 4.55
CA ASN A 112 18.30 20.01 3.72
C ASN A 112 17.73 21.14 4.55
N ILE A 113 18.18 22.38 4.29
CA ILE A 113 17.63 23.56 4.89
C ILE A 113 16.78 24.27 3.86
N LEU A 114 15.56 24.60 4.24
CA LEU A 114 14.75 25.58 3.43
C LEU A 114 14.81 26.92 4.13
N ALA A 115 15.68 27.78 3.66
CA ALA A 115 15.84 29.07 4.30
C ALA A 115 14.63 29.93 3.98
N CYS A 116 13.95 30.44 5.00
CA CYS A 116 12.71 31.19 4.82
C CYS A 116 12.73 32.52 5.55
N TYR A 117 11.93 33.48 5.07
CA TYR A 117 11.80 34.80 5.66
C TYR A 117 10.35 35.15 5.65
N GLU A 118 9.81 35.47 6.83
CA GLU A 118 8.42 35.98 6.96
C GLU A 118 7.38 35.02 6.32
N GLY A 119 7.62 33.75 6.46
CA GLY A 119 6.71 32.75 6.00
C GLY A 119 6.93 32.30 4.56
N ILE A 120 7.95 32.81 3.88
CA ILE A 120 8.23 32.54 2.49
C ILE A 120 9.65 31.90 2.27
N ALA A 121 9.73 30.88 1.43
CA ALA A 121 11.03 30.25 1.14
C ALA A 121 11.79 31.07 0.17
N SER A 122 13.05 31.38 0.46
CA SER A 122 13.94 32.05 -0.48
C SER A 122 15.06 31.13 -1.04
N GLY A 123 15.41 30.06 -0.33
CA GLY A 123 16.57 29.25 -0.65
C GLY A 123 16.55 27.86 -0.08
N VAL A 124 17.26 26.95 -0.74
CA VAL A 124 17.35 25.58 -0.28
C VAL A 124 18.79 25.07 -0.50
N PHE A 125 19.34 24.37 0.50
CA PHE A 125 20.65 23.85 0.43
C PHE A 125 20.87 22.70 1.36
N GLY A 126 21.81 21.84 0.96
CA GLY A 126 22.21 20.67 1.79
C GLY A 126 23.30 21.05 2.74
N VAL A 127 23.27 20.46 3.95
CA VAL A 127 24.24 20.64 5.00
C VAL A 127 24.37 19.42 5.80
N ASN A 128 25.37 19.40 6.63
CA ASN A 128 25.63 18.27 7.57
C ASN A 128 25.59 18.81 9.01
N LEU A 129 25.02 18.03 9.90
CA LEU A 129 25.22 18.30 11.33
C LEU A 129 26.63 17.90 11.73
N ARG A 130 27.35 18.86 12.24
CA ARG A 130 28.69 18.66 12.68
C ARG A 130 28.78 17.94 14.02
N THR A 131 30.00 17.54 14.38
CA THR A 131 30.29 16.84 15.66
C THR A 131 30.06 17.71 16.87
N ASN A 132 30.16 19.01 16.69
CA ASN A 132 29.85 19.98 17.69
C ASN A 132 28.38 20.48 17.71
N PHE A 133 27.50 19.73 17.06
CA PHE A 133 26.06 19.94 17.01
C PHE A 133 25.59 21.27 16.40
N THR A 134 26.51 21.99 15.73
CA THR A 134 26.22 23.10 14.90
C THR A 134 26.11 22.74 13.34
N ILE A 135 25.69 23.72 12.53
CA ILE A 135 25.86 23.65 11.11
C ILE A 135 26.45 24.93 10.63
N LYS A 136 27.01 24.90 9.40
CA LYS A 136 27.41 26.13 8.74
C LYS A 136 26.40 26.51 7.65
N GLY A 137 25.61 27.51 7.93
CA GLY A 137 24.45 27.83 7.17
C GLY A 137 24.63 29.21 6.69
N SER A 138 23.55 29.75 6.18
CA SER A 138 23.50 31.14 5.84
C SER A 138 22.13 31.67 6.22
N PHE A 139 22.10 32.50 7.26
CA PHE A 139 20.84 32.98 7.87
C PHE A 139 21.06 34.39 8.38
N ILE A 140 20.13 35.26 8.08
CA ILE A 140 20.07 36.57 8.74
C ILE A 140 18.75 36.75 9.48
N ASN A 141 18.60 37.94 10.02
CA ASN A 141 17.43 38.27 10.80
C ASN A 141 16.18 37.88 10.03
N GLY A 142 15.32 37.11 10.65
CA GLY A 142 14.14 36.61 9.98
C GLY A 142 14.17 35.13 9.69
N ALA A 143 15.35 34.50 9.75
CA ALA A 143 15.50 33.10 9.38
C ALA A 143 14.93 32.12 10.39
N CYS A 144 14.82 32.55 11.65
CA CYS A 144 14.37 31.68 12.70
C CYS A 144 13.07 31.00 12.31
N GLY A 145 13.03 29.71 12.61
CA GLY A 145 11.89 28.91 12.26
C GLY A 145 12.11 28.20 10.90
N SER A 146 13.13 28.61 10.13
CA SER A 146 13.39 27.89 8.87
C SER A 146 13.53 26.38 9.16
N PRO A 147 12.84 25.53 8.42
CA PRO A 147 12.96 24.10 8.67
C PRO A 147 14.10 23.39 7.90
N GLY A 148 14.62 22.36 8.56
CA GLY A 148 15.47 21.36 8.00
C GLY A 148 14.73 20.03 7.81
N TYR A 149 15.02 19.33 6.73
CA TYR A 149 14.30 18.11 6.39
C TYR A 149 15.14 17.12 5.58
N ASN A 150 14.68 15.87 5.56
CA ASN A 150 15.10 14.86 4.59
C ASN A 150 13.88 14.18 3.98
N VAL A 151 14.03 13.73 2.75
CA VAL A 151 12.96 13.03 2.04
C VAL A 151 13.41 11.60 1.85
N ARG A 152 12.68 10.73 2.47
CA ARG A 152 12.90 9.28 2.35
C ARG A 152 12.50 8.79 0.98
N ASN A 153 13.01 7.62 0.58
CA ASN A 153 12.70 7.01 -0.76
C ASN A 153 11.26 6.92 -1.11
N ASP A 154 10.45 6.64 -0.10
CA ASP A 154 9.01 6.54 -0.30
C ASP A 154 8.25 7.87 -0.35
N GLY A 155 8.94 9.00 -0.18
CA GLY A 155 8.26 10.30 -0.19
C GLY A 155 7.92 10.88 1.18
N THR A 156 8.23 10.14 2.25
CA THR A 156 8.05 10.59 3.60
C THR A 156 9.04 11.71 3.96
N VAL A 157 8.51 12.83 4.43
CA VAL A 157 9.35 13.94 4.85
C VAL A 157 9.74 13.78 6.31
N GLU A 158 11.04 13.80 6.60
CA GLU A 158 11.48 13.79 7.98
C GLU A 158 11.83 15.21 8.37
N PHE A 159 11.00 15.80 9.22
CA PHE A 159 11.28 17.10 9.75
C PHE A 159 12.24 16.97 10.92
N CYS A 160 13.37 17.64 10.82
CA CYS A 160 14.46 17.38 11.74
C CYS A 160 15.20 18.59 12.29
N TYR A 161 14.78 19.78 11.91
CA TYR A 161 15.50 20.96 12.32
C TYR A 161 14.60 22.17 12.24
N LEU A 162 14.86 23.06 13.16
CA LEU A 162 14.18 24.31 13.19
C LEU A 162 15.15 25.35 13.61
N HIS A 163 15.37 26.31 12.75
CA HIS A 163 16.43 27.27 13.03
C HIS A 163 16.19 28.24 14.19
N GLN A 164 17.19 28.39 15.05
CA GLN A 164 17.05 29.20 16.31
C GLN A 164 18.17 30.15 16.67
N ILE A 165 19.41 29.71 16.51
CA ILE A 165 20.58 30.36 17.08
C ILE A 165 21.71 30.62 16.14
N GLU A 166 22.31 31.79 16.26
CA GLU A 166 23.62 32.06 15.62
C GLU A 166 24.61 32.33 16.76
N LEU A 167 25.54 31.38 16.96
CA LEU A 167 26.59 31.48 17.95
C LEU A 167 27.50 32.67 17.66
N GLY A 168 28.21 33.18 18.67
CA GLY A 168 29.14 34.37 18.44
C GLY A 168 30.22 34.05 17.36
N SER A 169 30.58 32.78 17.20
CA SER A 169 31.44 32.37 16.11
C SER A 169 30.80 32.47 14.72
N GLY A 170 29.47 32.63 14.60
CA GLY A 170 28.77 32.60 13.27
C GLY A 170 28.16 31.24 12.87
N ALA A 171 28.54 30.22 13.54
CA ALA A 171 27.93 28.91 13.36
C ALA A 171 26.46 28.89 13.88
N HIS A 172 25.69 27.90 13.46
CA HIS A 172 24.27 27.91 13.57
C HIS A 172 23.73 26.69 14.28
N VAL A 173 22.67 26.90 15.10
CA VAL A 173 22.07 25.84 15.87
C VAL A 173 20.59 25.83 15.73
N GLY A 174 19.99 24.64 15.75
CA GLY A 174 18.57 24.59 15.79
C GLY A 174 18.06 23.66 16.83
N SER A 175 16.74 23.45 16.82
CA SER A 175 16.14 22.38 17.60
C SER A 175 15.56 21.38 16.69
N ASP A 176 15.21 20.24 17.24
CA ASP A 176 14.31 19.37 16.56
C ASP A 176 12.85 19.80 16.83
N PHE A 177 11.91 19.04 16.32
CA PHE A 177 10.49 19.38 16.34
C PHE A 177 9.82 18.98 17.67
N THR A 178 10.60 18.37 18.56
CA THR A 178 10.19 18.14 19.93
C THR A 178 10.59 19.28 20.81
N GLY A 179 11.40 20.19 20.31
CA GLY A 179 11.95 21.23 21.13
C GLY A 179 13.31 21.01 21.76
N SER A 180 13.91 19.81 21.66
CA SER A 180 15.33 19.64 22.08
C SER A 180 16.26 20.45 21.16
N VAL A 181 17.08 21.32 21.74
CA VAL A 181 18.06 22.06 21.04
C VAL A 181 19.24 21.10 20.78
N TYR A 182 19.80 21.13 19.58
CA TYR A 182 20.86 20.20 19.26
C TYR A 182 22.07 20.52 20.10
N GLY A 183 22.75 19.49 20.58
CA GLY A 183 23.89 19.74 21.45
C GLY A 183 23.56 20.32 22.84
N ASN A 184 22.29 20.37 23.22
CA ASN A 184 21.88 21.06 24.41
C ASN A 184 22.42 22.50 24.57
N PHE A 185 22.61 23.23 23.47
CA PHE A 185 22.80 24.66 23.57
C PHE A 185 21.51 25.24 24.15
N ASP A 186 21.62 26.46 24.61
CA ASP A 186 20.51 27.09 25.28
C ASP A 186 19.98 28.16 24.36
N ASP A 187 18.66 28.34 24.38
CA ASP A 187 18.02 29.29 23.48
C ASP A 187 17.95 30.63 24.14
N GLN A 188 19.15 31.17 24.40
CA GLN A 188 19.35 32.43 25.11
C GLN A 188 20.37 33.24 24.33
N PRO A 189 20.23 34.55 24.30
CA PRO A 189 21.28 35.33 23.65
C PRO A 189 22.45 35.53 24.62
N SER A 190 23.06 34.46 25.09
CA SER A 190 24.25 34.55 25.88
C SER A 190 25.37 33.90 25.03
N LEU A 191 26.60 34.25 25.33
CA LEU A 191 27.76 33.64 24.70
C LEU A 191 27.90 32.19 25.06
N GLN A 192 27.84 31.34 24.04
CA GLN A 192 28.06 29.90 24.22
C GLN A 192 29.10 29.51 23.19
N VAL A 193 30.03 28.65 23.58
CA VAL A 193 31.19 28.31 22.75
C VAL A 193 31.10 26.85 22.42
N GLU A 194 30.88 26.56 21.13
CA GLU A 194 30.84 25.15 20.62
C GLU A 194 32.23 24.48 20.77
N SER A 195 32.28 23.17 20.99
CA SER A 195 33.54 22.40 20.82
C SER A 195 34.09 22.64 19.43
N ALA A 196 35.35 22.32 19.26
CA ALA A 196 36.01 22.43 17.96
C ALA A 196 35.46 21.38 16.99
N ASN A 197 35.17 21.85 15.77
CA ASN A 197 34.67 20.94 14.77
C ASN A 197 35.67 19.87 14.42
N LEU A 198 35.22 18.64 14.37
CA LEU A 198 35.99 17.50 13.86
C LEU A 198 35.56 17.17 12.38
N MET A 199 36.54 17.16 11.49
CA MET A 199 36.33 16.70 10.14
C MET A 199 35.73 15.32 10.15
N LEU A 200 34.72 15.12 9.30
CA LEU A 200 34.03 13.84 9.23
C LEU A 200 34.78 12.89 8.28
N SER A 201 35.55 12.01 8.93
CA SER A 201 36.40 11.07 8.30
C SER A 201 35.70 10.20 7.29
N ASP A 202 34.57 9.67 7.66
CA ASP A 202 33.75 8.85 6.79
C ASP A 202 33.42 9.59 5.46
N ASN A 203 33.24 10.91 5.54
CA ASN A 203 32.82 11.66 4.39
C ASN A 203 34.05 11.88 3.53
N VAL A 204 35.18 12.08 4.16
CA VAL A 204 36.40 12.37 3.43
C VAL A 204 36.82 11.09 2.65
N VAL A 205 36.58 9.91 3.23
CA VAL A 205 36.86 8.68 2.54
C VAL A 205 35.95 8.63 1.29
N ALA A 206 34.66 8.88 1.48
CA ALA A 206 33.72 8.95 0.34
C ALA A 206 34.21 9.90 -0.72
N PHE A 207 34.64 11.05 -0.32
CA PHE A 207 35.12 12.09 -1.27
C PHE A 207 36.29 11.58 -2.10
N LEU A 208 37.23 10.87 -1.44
CA LEU A 208 38.34 10.34 -2.16
C LEU A 208 37.96 9.23 -3.14
N TYR A 209 37.02 8.38 -2.75
CA TYR A 209 36.47 7.44 -3.68
C TYR A 209 35.87 8.13 -4.89
N ALA A 210 35.16 9.23 -4.64
CA ALA A 210 34.52 9.98 -5.76
C ALA A 210 35.61 10.53 -6.66
N ALA A 211 36.72 10.98 -6.08
CA ALA A 211 37.77 11.51 -6.90
C ALA A 211 38.38 10.39 -7.76
N LEU A 212 38.53 9.16 -7.23
CA LEU A 212 39.09 8.08 -8.03
C LEU A 212 38.21 7.79 -9.23
N LEU A 213 36.95 7.67 -8.95
CA LEU A 213 35.97 7.41 -9.97
C LEU A 213 35.79 8.56 -10.96
N ASN A 214 36.27 9.76 -10.68
CA ASN A 214 36.24 10.84 -11.66
C ASN A 214 37.58 11.06 -12.27
N GLY A 215 38.46 10.05 -12.16
CA GLY A 215 39.80 10.10 -12.77
C GLY A 215 40.86 10.98 -12.09
N CYS A 216 40.65 11.40 -10.84
CA CYS A 216 41.58 12.26 -10.14
C CYS A 216 42.32 11.33 -9.12
N ARG A 217 43.55 10.96 -9.51
CA ARG A 217 44.33 10.03 -8.68
C ARG A 217 45.77 10.42 -8.20
N TRP A 218 46.19 11.64 -8.45
CA TRP A 218 47.58 12.06 -8.24
C TRP A 218 47.98 11.95 -6.78
N TRP A 219 47.03 12.16 -5.89
CA TRP A 219 47.24 12.24 -4.43
C TRP A 219 47.39 10.86 -3.79
N LEU A 220 47.21 9.81 -4.56
CA LEU A 220 47.15 8.48 -4.01
C LEU A 220 48.52 7.97 -3.56
N CYS A 221 48.71 7.74 -2.26
CA CYS A 221 50.06 7.36 -1.80
C CYS A 221 50.11 5.86 -1.78
N SER A 222 51.26 5.25 -1.85
CA SER A 222 51.22 3.81 -1.77
C SER A 222 51.57 3.40 -0.32
N THR A 223 50.59 3.62 0.52
CA THR A 223 50.71 3.50 1.93
C THR A 223 49.39 2.96 2.41
N ARG A 224 49.40 2.21 3.50
CA ARG A 224 48.17 1.80 4.15
C ARG A 224 48.20 2.03 5.62
N VAL A 225 47.06 2.43 6.18
CA VAL A 225 46.89 2.51 7.64
C VAL A 225 45.56 1.85 8.02
N ASN A 226 45.52 1.07 9.09
CA ASN A 226 44.31 0.41 9.50
C ASN A 226 43.38 1.36 10.35
N VAL A 227 42.17 0.90 10.59
CA VAL A 227 41.22 1.74 11.30
C VAL A 227 41.67 2.21 12.69
N ASP A 228 42.23 1.28 13.48
CA ASP A 228 42.74 1.61 14.81
C ASP A 228 43.82 2.61 14.76
N GLY A 229 44.80 2.44 13.86
CA GLY A 229 45.86 3.47 13.78
C GLY A 229 45.36 4.80 13.28
N PHE A 230 44.44 4.77 12.31
CA PHE A 230 43.87 6.03 11.80
C PHE A 230 43.08 6.79 12.89
N ASN A 231 42.23 6.05 13.59
CA ASN A 231 41.45 6.61 14.71
C ASN A 231 42.28 7.29 15.79
N GLU A 232 43.41 6.69 16.15
CA GLU A 232 44.36 7.27 17.08
C GLU A 232 44.91 8.57 16.50
N TRP A 233 45.38 8.53 15.24
CA TRP A 233 45.87 9.76 14.59
C TRP A 233 44.79 10.89 14.56
N ALA A 234 43.54 10.45 14.33
CA ALA A 234 42.36 11.38 14.14
C ALA A 234 42.08 12.22 15.39
N MET A 235 42.10 11.60 16.56
CA MET A 235 42.07 12.33 17.87
C MET A 235 43.09 13.44 17.95
N ALA A 236 44.27 13.20 17.45
CA ALA A 236 45.33 14.17 17.55
C ALA A 236 45.23 15.24 16.51
N ASN A 237 44.46 15.03 15.45
CA ASN A 237 44.48 16.00 14.33
C ASN A 237 43.11 16.59 13.87
N GLY A 238 42.09 16.38 14.67
CA GLY A 238 40.81 17.04 14.47
C GLY A 238 39.93 16.30 13.46
N TYR A 239 39.93 14.96 13.54
CA TYR A 239 39.15 14.15 12.61
C TYR A 239 38.38 13.25 13.47
N THR A 240 37.22 12.82 13.05
CA THR A 240 36.53 11.76 13.80
C THR A 240 37.20 10.45 13.52
N SER A 241 36.67 9.43 14.15
CA SER A 241 36.96 8.08 13.81
C SER A 241 36.28 7.71 12.50
N VAL A 242 36.71 6.58 11.94
CA VAL A 242 36.15 6.07 10.72
C VAL A 242 35.28 4.88 11.09
N SER A 243 34.15 4.70 10.44
CA SER A 243 33.26 3.54 10.68
C SER A 243 33.80 2.31 9.97
N SER A 244 33.03 1.24 10.06
CA SER A 244 33.32 0.02 9.33
C SER A 244 33.87 0.21 7.89
N VAL A 245 35.03 -0.36 7.66
CA VAL A 245 35.58 -0.53 6.33
C VAL A 245 34.57 -1.10 5.26
N GLU A 246 33.67 -1.96 5.69
CA GLU A 246 32.79 -2.70 4.77
C GLU A 246 31.67 -1.87 4.17
N CYS A 247 31.29 -0.82 4.86
CA CYS A 247 30.41 0.14 4.31
C CYS A 247 30.87 0.60 2.94
N TYR A 248 32.19 0.65 2.70
CA TYR A 248 32.72 1.13 1.45
C TYR A 248 32.94 0.07 0.34
N SER A 249 32.42 -1.16 0.52
CA SER A 249 32.79 -2.33 -0.30
C SER A 249 32.47 -2.18 -1.79
N ILE A 250 31.39 -1.51 -2.09
CA ILE A 250 31.09 -1.31 -3.50
C ILE A 250 32.10 -0.39 -4.13
N LEU A 251 32.48 0.68 -3.43
CA LEU A 251 33.46 1.61 -3.97
C LEU A 251 34.91 1.07 -4.01
N ALA A 252 35.28 0.30 -2.98
CA ALA A 252 36.56 -0.45 -2.99
C ALA A 252 36.65 -1.42 -4.19
N ALA A 253 35.55 -2.10 -4.49
CA ALA A 253 35.54 -3.01 -5.64
C ALA A 253 35.61 -2.24 -6.93
N LYS A 254 34.82 -1.18 -7.10
CA LYS A 254 34.88 -0.39 -8.33
C LYS A 254 36.17 0.30 -8.61
N THR A 255 36.88 0.73 -7.60
CA THR A 255 38.13 1.49 -7.84
C THR A 255 39.40 0.60 -7.73
N GLY A 256 39.30 -0.50 -7.03
CA GLY A 256 40.47 -1.30 -6.68
C GLY A 256 41.32 -0.80 -5.52
N VAL A 257 40.84 0.20 -4.78
CA VAL A 257 41.56 0.89 -3.70
C VAL A 257 40.83 0.62 -2.40
N SER A 258 41.60 0.17 -1.43
CA SER A 258 41.11 -0.21 -0.15
C SER A 258 40.91 1.05 0.68
N VAL A 259 40.07 0.93 1.70
CA VAL A 259 39.86 2.05 2.64
C VAL A 259 41.14 2.43 3.31
N GLU A 260 41.90 1.40 3.67
CA GLU A 260 43.14 1.62 4.44
C GLU A 260 44.13 2.46 3.68
N GLN A 261 44.15 2.31 2.36
CA GLN A 261 44.99 3.21 1.53
C GLN A 261 44.48 4.69 1.50
N LEU A 262 43.16 4.82 1.56
CA LEU A 262 42.53 6.13 1.66
C LEU A 262 42.77 6.76 3.01
N LEU A 263 42.71 5.94 4.05
CA LEU A 263 43.06 6.47 5.38
C LEU A 263 44.47 7.04 5.46
N ALA A 264 45.39 6.41 4.78
CA ALA A 264 46.80 6.92 4.77
C ALA A 264 46.92 8.17 3.97
N SER A 265 46.20 8.23 2.87
CA SER A 265 46.21 9.37 2.03
C SER A 265 45.65 10.57 2.72
N ILE A 266 44.61 10.37 3.52
CA ILE A 266 44.09 11.47 4.35
C ILE A 266 45.23 11.97 5.27
N GLN A 267 45.92 11.06 5.98
CA GLN A 267 47.08 11.47 6.81
C GLN A 267 48.04 12.36 6.05
N HIS A 268 48.36 12.00 4.81
CA HIS A 268 49.39 12.70 4.03
C HIS A 268 48.85 14.04 3.51
N LEU A 269 47.57 14.00 3.09
CA LEU A 269 46.92 15.14 2.48
C LEU A 269 46.50 16.16 3.51
N HIS A 270 46.29 15.72 4.75
CA HIS A 270 46.13 16.69 5.82
C HIS A 270 47.23 17.81 5.83
N GLU A 271 48.47 17.47 5.42
CA GLU A 271 49.59 18.47 5.29
C GLU A 271 49.44 19.52 4.18
N GLY A 272 48.45 19.36 3.30
CA GLY A 272 48.16 20.33 2.27
C GLY A 272 48.31 19.67 0.91
N PHE A 273 47.70 20.31 -0.08
CA PHE A 273 47.65 19.79 -1.43
C PHE A 273 48.86 20.22 -2.30
N GLY A 274 49.69 21.13 -1.80
CA GLY A 274 50.83 21.63 -2.58
C GLY A 274 50.39 22.41 -3.82
N GLY A 275 49.36 23.26 -3.69
CA GLY A 275 48.84 24.02 -4.86
C GLY A 275 48.01 23.28 -5.92
N LYS A 276 47.85 21.97 -5.75
CA LYS A 276 47.04 21.13 -6.62
C LYS A 276 45.59 21.06 -6.15
N ASN A 277 44.69 20.43 -6.94
CA ASN A 277 43.33 20.20 -6.49
C ASN A 277 42.81 18.76 -6.66
N ILE A 278 41.80 18.45 -5.85
CA ILE A 278 41.00 17.25 -6.03
C ILE A 278 39.56 17.64 -6.31
N LEU A 279 39.07 17.29 -7.50
CA LEU A 279 37.70 17.67 -7.94
C LEU A 279 37.53 19.15 -7.69
N GLY A 280 38.57 19.90 -7.96
CA GLY A 280 38.49 21.34 -7.77
C GLY A 280 38.69 21.87 -6.35
N TYR A 281 38.64 21.02 -5.34
CA TYR A 281 38.84 21.47 -3.97
C TYR A 281 40.35 21.60 -3.69
N SER A 282 40.69 22.63 -2.93
CA SER A 282 42.11 22.94 -2.64
C SER A 282 42.55 22.35 -1.29
N SER A 283 41.64 21.74 -0.51
CA SER A 283 41.97 21.00 0.74
C SER A 283 40.99 19.81 0.86
N LEU A 284 41.12 18.91 1.83
CA LEU A 284 40.20 17.83 1.91
C LEU A 284 38.80 18.31 2.17
N CYS A 285 37.85 17.56 1.63
CA CYS A 285 36.44 17.88 1.71
C CYS A 285 35.64 16.83 2.44
N ASP A 286 34.95 17.26 3.48
CA ASP A 286 34.11 16.38 4.28
C ASP A 286 32.62 16.72 4.11
N GLU A 287 32.28 17.44 3.07
CA GLU A 287 30.84 17.76 2.73
C GLU A 287 29.98 16.61 2.31
N PHE A 288 30.55 15.62 1.62
CA PHE A 288 29.74 14.49 1.09
C PHE A 288 29.80 13.22 1.85
N THR A 289 28.65 12.64 2.15
CA THR A 289 28.55 11.35 2.72
C THR A 289 28.69 10.26 1.66
N LEU A 290 28.94 9.07 2.15
CA LEU A 290 29.07 7.89 1.32
C LEU A 290 27.79 7.71 0.54
N ALA A 291 26.62 7.79 1.20
CA ALA A 291 25.30 7.65 0.53
C ALA A 291 25.15 8.66 -0.62
N GLU A 292 25.55 9.89 -0.39
CA GLU A 292 25.54 10.90 -1.46
C GLU A 292 26.49 10.57 -2.59
N VAL A 293 27.66 10.09 -2.26
CA VAL A 293 28.62 9.74 -3.35
C VAL A 293 28.07 8.61 -4.17
N VAL A 294 27.51 7.59 -3.54
CA VAL A 294 26.98 6.43 -4.27
C VAL A 294 25.80 6.83 -5.13
N LYS A 295 24.90 7.62 -4.57
CA LYS A 295 23.74 8.10 -5.32
C LYS A 295 24.24 8.95 -6.51
N GLN A 296 25.23 9.81 -6.34
CA GLN A 296 25.63 10.62 -7.45
C GLN A 296 26.48 9.92 -8.51
N MET A 297 27.10 8.77 -8.21
CA MET A 297 27.89 7.96 -9.23
C MET A 297 27.11 6.83 -9.89
N TYR A 298 26.20 6.25 -9.15
CA TYR A 298 25.47 5.04 -9.50
C TYR A 298 23.96 4.97 -9.27
N GLY A 299 23.40 5.81 -8.39
CA GLY A 299 22.06 5.57 -7.77
C GLY A 299 20.78 5.52 -8.64
N VAL A 300 20.89 4.96 -9.87
CA VAL A 300 19.79 4.73 -10.83
C VAL A 300 20.21 3.61 -11.85
N SER B 1 -25.54 -13.86 -12.93
CA SER B 1 -25.21 -12.47 -13.25
C SER B 1 -24.15 -11.87 -12.37
N GLY B 2 -23.64 -10.72 -12.85
CA GLY B 2 -22.66 -9.93 -12.12
C GLY B 2 -21.27 -10.25 -12.65
N LEU B 3 -20.35 -9.31 -12.40
CA LEU B 3 -18.94 -9.43 -12.82
C LEU B 3 -18.14 -8.83 -11.71
N LYS B 4 -17.18 -9.58 -11.22
CA LYS B 4 -16.57 -9.24 -9.97
C LYS B 4 -15.16 -9.79 -9.97
N LYS B 5 -14.20 -8.94 -9.60
CA LYS B 5 -12.80 -9.32 -9.65
C LYS B 5 -12.60 -10.19 -8.41
N MET B 6 -12.06 -11.36 -8.62
CA MET B 6 -12.06 -12.45 -7.61
C MET B 6 -10.70 -13.05 -7.64
N ALA B 7 -10.27 -13.52 -6.51
CA ALA B 7 -9.11 -14.41 -6.52
C ALA B 7 -9.53 -15.88 -6.58
N GLN B 8 -8.67 -16.70 -7.11
CA GLN B 8 -8.81 -18.15 -7.00
C GLN B 8 -8.57 -18.50 -5.54
N PRO B 9 -9.14 -19.62 -5.07
CA PRO B 9 -8.97 -19.94 -3.67
C PRO B 9 -7.55 -20.03 -3.26
N SER B 10 -7.25 -19.57 -2.04
CA SER B 10 -5.92 -19.51 -1.52
C SER B 10 -5.41 -20.63 -0.64
N GLY B 11 -6.25 -21.59 -0.23
CA GLY B 11 -5.81 -22.62 0.80
C GLY B 11 -4.54 -23.41 0.50
N CYS B 12 -4.45 -23.97 -0.71
CA CYS B 12 -3.22 -24.71 -1.11
C CYS B 12 -1.92 -23.84 -1.07
N VAL B 13 -2.06 -22.57 -1.36
CA VAL B 13 -0.93 -21.62 -1.24
C VAL B 13 -0.60 -21.18 0.16
N GLU B 14 -1.64 -20.97 0.97
CA GLU B 14 -1.40 -20.66 2.41
C GLU B 14 -0.52 -21.70 3.15
N ARG B 15 -0.70 -22.94 2.79
CA ARG B 15 0.10 -23.98 3.46
C ARG B 15 1.55 -24.00 3.02
N CYS B 16 1.89 -23.30 1.93
CA CYS B 16 3.28 -23.13 1.55
C CYS B 16 3.91 -21.87 2.12
N VAL B 17 3.18 -20.98 2.84
CA VAL B 17 3.79 -19.77 3.31
C VAL B 17 4.54 -19.87 4.62
N VAL B 18 5.76 -19.31 4.69
CA VAL B 18 6.57 -19.39 5.89
C VAL B 18 7.15 -18.03 6.25
N ARG B 19 7.51 -17.87 7.50
CA ARG B 19 8.21 -16.71 7.99
C ARG B 19 9.72 -16.94 7.84
N VAL B 20 10.44 -15.97 7.21
CA VAL B 20 11.88 -16.04 7.04
C VAL B 20 12.54 -14.88 7.71
N CYS B 21 13.41 -15.15 8.65
CA CYS B 21 14.06 -14.11 9.43
C CYS B 21 15.58 -14.23 9.16
N TYR B 22 16.27 -13.12 8.95
CA TYR B 22 17.73 -13.09 8.97
C TYR B 22 18.14 -11.90 9.80
N GLY B 23 18.79 -12.18 10.91
CA GLY B 23 19.17 -11.09 11.79
C GLY B 23 17.89 -10.50 12.36
N SER B 24 17.69 -9.23 12.15
CA SER B 24 16.46 -8.58 12.55
C SER B 24 15.49 -8.39 11.35
N THR B 25 15.83 -8.90 10.16
CA THR B 25 14.99 -8.67 8.99
C THR B 25 13.99 -9.80 8.85
N VAL B 26 12.71 -9.49 8.78
CA VAL B 26 11.67 -10.51 8.71
C VAL B 26 10.86 -10.30 7.44
N LEU B 27 10.65 -11.35 6.68
CA LEU B 27 9.70 -11.32 5.56
C LEU B 27 9.20 -12.71 5.31
N ASN B 28 8.50 -12.95 4.20
CA ASN B 28 7.85 -14.19 3.88
C ASN B 28 8.64 -15.05 2.88
N GLY B 29 8.41 -16.36 2.91
CA GLY B 29 8.93 -17.23 1.89
C GLY B 29 7.92 -18.27 1.56
N VAL B 30 8.20 -19.00 0.47
CA VAL B 30 7.35 -20.02 -0.05
C VAL B 30 8.14 -21.40 0.01
N TRP B 31 7.53 -22.35 0.71
CA TRP B 31 8.08 -23.64 1.11
C TRP B 31 7.46 -24.65 0.23
N LEU B 32 8.26 -25.17 -0.72
CA LEU B 32 7.86 -26.21 -1.62
C LEU B 32 8.93 -27.32 -1.58
N GLY B 33 8.50 -28.56 -1.36
CA GLY B 33 9.39 -29.68 -1.11
C GLY B 33 10.23 -29.32 0.08
N ASP B 34 11.56 -29.39 -0.09
CA ASP B 34 12.47 -29.01 1.02
C ASP B 34 13.24 -27.71 0.72
N THR B 35 12.60 -26.88 -0.11
CA THR B 35 13.13 -25.55 -0.48
C THR B 35 12.20 -24.37 -0.11
N VAL B 36 12.73 -23.41 0.59
CA VAL B 36 12.09 -22.15 0.83
C VAL B 36 12.66 -21.05 -0.10
N THR B 37 11.84 -20.56 -1.04
CA THR B 37 12.13 -19.40 -1.84
C THR B 37 11.71 -18.05 -1.19
N CYS B 38 12.64 -17.10 -1.16
CA CYS B 38 12.41 -15.77 -0.60
C CYS B 38 13.25 -14.70 -1.31
N PRO B 39 12.90 -13.42 -1.15
CA PRO B 39 13.70 -12.35 -1.69
C PRO B 39 15.08 -12.33 -1.05
N ARG B 40 16.11 -12.21 -1.89
CA ARG B 40 17.49 -12.19 -1.38
C ARG B 40 17.82 -10.97 -0.57
N HIS B 41 17.07 -9.88 -0.74
CA HIS B 41 17.32 -8.76 0.20
C HIS B 41 17.13 -9.04 1.69
N VAL B 42 16.61 -10.21 2.04
CA VAL B 42 16.52 -10.59 3.44
C VAL B 42 17.92 -10.65 4.12
N ILE B 43 18.98 -10.85 3.32
CA ILE B 43 20.36 -10.82 3.87
C ILE B 43 21.10 -9.52 3.73
N ALA B 44 20.48 -8.52 3.12
CA ALA B 44 21.05 -7.19 3.07
C ALA B 44 21.16 -6.59 4.47
N PRO B 45 22.27 -5.91 4.75
CA PRO B 45 22.45 -5.28 6.04
C PRO B 45 21.54 -4.02 6.21
N SER B 46 21.09 -3.42 5.13
CA SER B 46 20.18 -2.28 5.20
C SER B 46 19.51 -2.33 3.84
N THR B 47 18.26 -1.95 3.71
CA THR B 47 17.66 -1.90 2.37
C THR B 47 17.40 -0.44 1.94
N THR B 48 17.95 0.51 2.69
CA THR B 48 17.70 1.93 2.42
C THR B 48 18.84 2.52 1.61
N VAL B 49 19.91 1.74 1.42
CA VAL B 49 21.03 2.18 0.58
C VAL B 49 21.61 1.08 -0.39
N LEU B 50 22.27 1.43 -1.52
CA LEU B 50 22.63 0.41 -2.52
C LEU B 50 23.30 -0.84 -1.94
N ILE B 51 22.87 -2.01 -2.35
CA ILE B 51 23.20 -3.23 -1.59
C ILE B 51 24.29 -3.96 -2.38
N ASP B 52 25.34 -4.34 -1.68
CA ASP B 52 26.37 -5.24 -2.24
C ASP B 52 25.96 -6.70 -2.02
N TYR B 53 25.34 -7.32 -3.00
CA TYR B 53 24.80 -8.67 -2.82
C TYR B 53 25.92 -9.72 -2.77
N ASP B 54 27.04 -9.51 -3.48
CA ASP B 54 28.20 -10.47 -3.40
C ASP B 54 28.78 -10.46 -2.01
N HIS B 55 28.98 -9.28 -1.47
CA HIS B 55 29.45 -9.17 -0.09
C HIS B 55 28.45 -9.75 0.92
N ALA B 56 27.16 -9.52 0.70
CA ALA B 56 26.15 -10.00 1.69
C ALA B 56 26.13 -11.54 1.66
N TYR B 57 26.22 -12.10 0.47
CA TYR B 57 26.20 -13.52 0.35
C TYR B 57 27.47 -14.18 0.86
N SER B 58 28.62 -13.59 0.56
CA SER B 58 29.90 -14.14 1.06
C SER B 58 30.04 -14.06 2.59
N THR B 59 29.51 -13.00 3.22
CA THR B 59 29.49 -12.89 4.69
C THR B 59 28.26 -13.53 5.38
N MET B 60 27.40 -14.21 4.61
CA MET B 60 26.18 -14.74 5.18
C MET B 60 26.50 -15.91 6.08
N ARG B 61 25.91 -15.93 7.27
CA ARG B 61 26.03 -17.12 8.13
C ARG B 61 24.68 -17.79 8.37
N LEU B 62 24.59 -19.07 8.04
CA LEU B 62 23.40 -19.87 8.35
C LEU B 62 22.73 -19.69 9.69
N HIS B 63 23.50 -19.65 10.75
CA HIS B 63 22.90 -19.50 12.08
C HIS B 63 22.10 -18.19 12.29
N ASN B 64 22.17 -17.24 11.37
CA ASN B 64 21.37 -16.02 11.49
C ASN B 64 19.94 -16.21 10.93
N PHE B 65 19.74 -17.26 10.13
CA PHE B 65 18.43 -17.59 9.60
C PHE B 65 17.53 -18.18 10.72
N SER B 66 16.22 -18.01 10.53
CA SER B 66 15.18 -18.52 11.41
C SER B 66 14.00 -18.69 10.47
N VAL B 67 13.70 -19.91 10.08
CA VAL B 67 12.56 -20.18 9.22
C VAL B 67 11.46 -20.97 9.96
N SER B 68 10.20 -20.55 9.85
CA SER B 68 9.10 -21.21 10.56
C SER B 68 7.83 -21.21 9.79
N HIS B 69 7.04 -22.27 10.03
CA HIS B 69 5.69 -22.44 9.48
C HIS B 69 4.76 -22.56 10.66
N ASN B 70 3.94 -21.53 10.80
CA ASN B 70 3.01 -21.39 11.89
C ASN B 70 3.68 -21.62 13.19
N GLY B 71 4.80 -20.95 13.46
CA GLY B 71 5.51 -21.06 14.75
C GLY B 71 6.37 -22.32 14.99
N VAL B 72 6.31 -23.30 14.07
CA VAL B 72 7.18 -24.49 14.14
C VAL B 72 8.49 -24.23 13.39
N PHE B 73 9.63 -24.32 14.05
CA PHE B 73 10.87 -24.16 13.31
C PHE B 73 11.19 -25.22 12.31
N LEU B 74 11.77 -24.78 11.21
CA LEU B 74 12.41 -25.61 10.24
C LEU B 74 13.92 -25.40 10.37
N GLY B 75 14.68 -26.45 10.08
CA GLY B 75 16.13 -26.38 10.17
C GLY B 75 16.73 -26.02 8.81
N VAL B 76 17.51 -24.93 8.82
CA VAL B 76 18.19 -24.45 7.64
C VAL B 76 19.45 -25.31 7.32
N VAL B 77 19.44 -25.92 6.16
CA VAL B 77 20.58 -26.72 5.74
C VAL B 77 21.57 -25.90 4.85
N GLY B 78 21.06 -25.29 3.78
CA GLY B 78 21.89 -24.51 2.88
C GLY B 78 21.12 -23.38 2.26
N VAL B 79 21.86 -22.50 1.57
CA VAL B 79 21.31 -21.35 0.88
C VAL B 79 22.07 -21.05 -0.35
N THR B 80 21.40 -21.07 -1.50
CA THR B 80 21.91 -20.53 -2.75
C THR B 80 21.16 -19.25 -3.19
N MET B 81 21.74 -18.49 -4.12
CA MET B 81 21.19 -17.23 -4.63
C MET B 81 20.97 -17.35 -6.11
N HIS B 82 19.79 -16.95 -6.59
CA HIS B 82 19.39 -17.10 -7.99
C HIS B 82 18.66 -15.83 -8.34
N GLY B 83 19.28 -15.02 -9.23
CA GLY B 83 18.83 -13.66 -9.47
C GLY B 83 18.53 -12.97 -8.15
N SER B 84 17.27 -12.50 -8.04
CA SER B 84 16.76 -11.78 -6.84
C SER B 84 16.17 -12.58 -5.73
N VAL B 85 16.34 -13.91 -5.78
CA VAL B 85 15.86 -14.78 -4.70
C VAL B 85 16.94 -15.65 -4.08
N LEU B 86 16.69 -16.09 -2.85
CA LEU B 86 17.38 -17.19 -2.21
C LEU B 86 16.56 -18.45 -2.25
N ARG B 87 17.21 -19.59 -2.52
CA ARG B 87 16.61 -20.93 -2.24
C ARG B 87 17.24 -21.47 -1.02
N ILE B 88 16.51 -21.45 0.09
CA ILE B 88 16.97 -21.93 1.37
C ILE B 88 16.52 -23.41 1.44
N LYS B 89 17.48 -24.33 1.51
CA LYS B 89 17.24 -25.75 1.74
C LYS B 89 16.98 -26.00 3.17
N VAL B 90 15.94 -26.76 3.46
CA VAL B 90 15.56 -26.97 4.89
C VAL B 90 15.52 -28.49 5.12
N SER B 91 15.66 -28.89 6.38
CA SER B 91 15.60 -30.37 6.77
C SER B 91 14.25 -31.00 6.41
N GLN B 92 13.15 -30.34 6.82
CA GLN B 92 11.81 -30.94 6.63
C GLN B 92 11.30 -30.64 5.23
N SER B 93 10.69 -31.62 4.64
CA SER B 93 9.99 -31.42 3.42
C SER B 93 8.50 -31.03 3.75
N ASN B 94 7.87 -30.18 2.92
CA ASN B 94 6.53 -29.67 3.16
C ASN B 94 5.52 -30.70 2.67
N VAL B 95 4.86 -31.36 3.63
CA VAL B 95 3.91 -32.43 3.26
C VAL B 95 2.74 -31.93 2.44
N HIS B 96 2.41 -30.63 2.60
CA HIS B 96 1.29 -30.03 1.87
C HIS B 96 1.69 -29.40 0.60
N THR B 97 2.89 -29.73 0.12
CA THR B 97 3.34 -29.22 -1.15
C THR B 97 2.38 -29.66 -2.26
N PRO B 98 1.68 -28.72 -2.92
CA PRO B 98 0.80 -29.08 -4.01
C PRO B 98 1.53 -29.42 -5.30
N LYS B 99 0.81 -30.02 -6.23
CA LYS B 99 1.29 -30.13 -7.57
C LYS B 99 1.50 -28.72 -8.16
N HIS B 100 2.72 -28.46 -8.61
CA HIS B 100 2.98 -27.14 -9.18
C HIS B 100 4.07 -27.10 -10.22
N VAL B 101 4.12 -25.95 -10.88
CA VAL B 101 5.15 -25.55 -11.82
C VAL B 101 5.49 -24.05 -11.55
N PHE B 102 6.60 -23.57 -12.10
CA PHE B 102 6.96 -22.17 -12.06
C PHE B 102 6.64 -21.63 -13.40
N LYS B 103 5.99 -20.49 -13.45
CA LYS B 103 5.66 -19.88 -14.69
C LYS B 103 5.89 -18.35 -14.62
N THR B 104 6.38 -17.79 -15.71
CA THR B 104 6.67 -16.38 -15.81
C THR B 104 5.52 -15.72 -16.54
N LEU B 105 4.93 -14.71 -15.90
CA LEU B 105 3.84 -14.00 -16.50
C LEU B 105 4.31 -13.10 -17.64
N LYS B 106 3.35 -12.61 -18.41
CA LYS B 106 3.49 -11.76 -19.56
C LYS B 106 2.51 -10.66 -19.31
N PRO B 107 2.77 -9.46 -19.83
CA PRO B 107 1.75 -8.43 -19.60
C PRO B 107 0.39 -8.85 -20.11
N GLY B 108 -0.65 -8.42 -19.43
CA GLY B 108 -2.01 -8.80 -19.75
C GLY B 108 -2.51 -10.07 -19.01
N ASP B 109 -1.62 -10.93 -18.54
CA ASP B 109 -1.99 -12.09 -17.71
C ASP B 109 -2.57 -11.70 -16.34
N SER B 110 -3.67 -12.36 -15.95
CA SER B 110 -4.24 -12.22 -14.60
C SER B 110 -3.58 -13.16 -13.68
N PHE B 111 -3.58 -12.84 -12.41
CA PHE B 111 -3.10 -13.80 -11.44
C PHE B 111 -3.61 -13.39 -10.05
N ASN B 112 -3.15 -14.08 -9.01
CA ASN B 112 -3.69 -13.84 -7.68
C ASN B 112 -2.57 -13.56 -6.79
N ILE B 113 -2.79 -12.67 -5.81
CA ILE B 113 -1.79 -12.36 -4.83
C ILE B 113 -2.35 -12.80 -3.50
N LEU B 114 -1.51 -13.47 -2.73
CA LEU B 114 -1.77 -13.72 -1.37
C LEU B 114 -0.84 -12.87 -0.60
N ALA B 115 -1.39 -11.81 -0.04
CA ALA B 115 -0.57 -10.88 0.72
C ALA B 115 -0.31 -11.42 2.08
N CYS B 116 0.94 -11.51 2.47
CA CYS B 116 1.32 -12.08 3.73
C CYS B 116 2.18 -11.18 4.58
N TYR B 117 2.20 -11.45 5.86
CA TYR B 117 2.99 -10.69 6.81
C TYR B 117 3.42 -11.69 7.84
N GLU B 118 4.71 -11.68 8.21
CA GLU B 118 5.23 -12.60 9.24
C GLU B 118 4.93 -14.09 8.99
N GLY B 119 4.86 -14.47 7.72
CA GLY B 119 4.57 -15.82 7.33
C GLY B 119 3.11 -16.21 7.35
N ILE B 120 2.20 -15.23 7.57
CA ILE B 120 0.75 -15.46 7.70
C ILE B 120 -0.05 -14.70 6.68
N ALA B 121 -0.88 -15.37 5.89
CA ALA B 121 -1.66 -14.67 4.87
C ALA B 121 -2.67 -13.74 5.59
N SER B 122 -2.87 -12.52 5.06
CA SER B 122 -3.84 -11.61 5.51
C SER B 122 -4.88 -11.28 4.48
N GLY B 123 -4.58 -11.40 3.21
CA GLY B 123 -5.57 -11.13 2.16
C GLY B 123 -5.20 -11.75 0.83
N VAL B 124 -6.17 -11.84 -0.05
CA VAL B 124 -5.96 -12.41 -1.35
C VAL B 124 -6.81 -11.61 -2.29
N PHE B 125 -6.27 -11.38 -3.47
CA PHE B 125 -6.96 -10.63 -4.50
C PHE B 125 -6.37 -10.91 -5.85
N GLY B 126 -7.20 -10.68 -6.85
CA GLY B 126 -6.78 -10.85 -8.23
C GLY B 126 -6.22 -9.53 -8.80
N VAL B 127 -5.29 -9.65 -9.72
CA VAL B 127 -4.61 -8.53 -10.30
C VAL B 127 -4.05 -8.87 -11.72
N ASN B 128 -3.76 -7.86 -12.52
CA ASN B 128 -3.19 -8.08 -13.85
C ASN B 128 -1.78 -7.56 -13.91
N LEU B 129 -0.87 -8.29 -14.55
CA LEU B 129 0.42 -7.74 -14.88
C LEU B 129 0.24 -6.71 -15.97
N ARG B 130 0.58 -5.48 -15.62
CA ARG B 130 0.47 -4.41 -16.57
C ARG B 130 1.55 -4.41 -17.62
N THR B 131 1.29 -3.59 -18.61
CA THR B 131 2.22 -3.46 -19.77
C THR B 131 3.63 -2.96 -19.42
N ASN B 132 3.69 -2.21 -18.32
CA ASN B 132 4.93 -1.75 -17.70
C ASN B 132 5.55 -2.66 -16.66
N PHE B 133 5.08 -3.92 -16.62
CA PHE B 133 5.59 -4.96 -15.78
C PHE B 133 5.45 -4.71 -14.27
N THR B 134 4.53 -3.86 -13.91
CA THR B 134 4.15 -3.62 -12.53
C THR B 134 2.68 -4.12 -12.27
N ILE B 135 2.34 -4.16 -11.00
CA ILE B 135 0.93 -4.33 -10.65
C ILE B 135 0.59 -3.23 -9.73
N LYS B 136 -0.70 -2.97 -9.58
CA LYS B 136 -1.24 -2.12 -8.53
C LYS B 136 -1.89 -2.98 -7.44
N GLY B 137 -1.15 -3.21 -6.38
CA GLY B 137 -1.56 -3.99 -5.26
C GLY B 137 -1.73 -3.17 -4.03
N SER B 138 -1.58 -3.82 -2.90
CA SER B 138 -1.64 -3.13 -1.64
C SER B 138 -0.73 -3.95 -0.76
N PHE B 139 0.39 -3.35 -0.38
CA PHE B 139 1.42 -3.96 0.38
C PHE B 139 2.09 -2.91 1.22
N ILE B 140 2.42 -3.26 2.45
CA ILE B 140 3.15 -2.38 3.34
C ILE B 140 4.28 -3.20 3.92
N ASN B 141 5.08 -2.55 4.79
CA ASN B 141 6.22 -3.19 5.38
C ASN B 141 5.96 -4.59 5.93
N GLY B 142 6.74 -5.53 5.42
CA GLY B 142 6.59 -6.94 5.75
C GLY B 142 6.04 -7.82 4.66
N ALA B 143 5.44 -7.25 3.63
CA ALA B 143 4.83 -8.01 2.55
C ALA B 143 5.80 -8.74 1.61
N CYS B 144 7.04 -8.32 1.55
CA CYS B 144 7.99 -8.98 0.68
C CYS B 144 7.98 -10.48 0.86
N GLY B 145 8.05 -11.15 -0.28
CA GLY B 145 7.90 -12.55 -0.42
C GLY B 145 6.47 -13.03 -0.51
N SER B 146 5.49 -12.14 -0.44
CA SER B 146 4.13 -12.55 -0.70
C SER B 146 4.05 -13.16 -2.05
N PRO B 147 3.36 -14.34 -2.20
CA PRO B 147 3.31 -15.01 -3.52
C PRO B 147 2.15 -14.64 -4.39
N GLY B 148 2.38 -14.70 -5.70
CA GLY B 148 1.39 -14.62 -6.73
C GLY B 148 1.30 -15.99 -7.45
N TYR B 149 0.09 -16.35 -7.88
CA TYR B 149 -0.19 -17.71 -8.35
C TYR B 149 -1.35 -17.73 -9.25
N ASN B 150 -1.37 -18.75 -10.09
CA ASN B 150 -2.59 -19.19 -10.77
C ASN B 150 -2.85 -20.67 -10.52
N VAL B 151 -4.12 -21.05 -10.62
CA VAL B 151 -4.50 -22.49 -10.46
C VAL B 151 -5.12 -22.96 -11.77
N ARG B 152 -4.44 -23.91 -12.39
CA ARG B 152 -4.96 -24.53 -13.63
C ARG B 152 -6.23 -25.31 -13.35
N ASN B 153 -7.05 -25.50 -14.38
CA ASN B 153 -8.17 -26.47 -14.37
C ASN B 153 -7.88 -27.81 -13.70
N ASP B 154 -6.71 -28.39 -13.98
CA ASP B 154 -6.34 -29.68 -13.36
C ASP B 154 -5.91 -29.61 -11.94
N GLY B 155 -5.94 -28.44 -11.30
CA GLY B 155 -5.43 -28.24 -9.89
C GLY B 155 -3.92 -27.94 -9.70
N THR B 156 -3.18 -27.85 -10.83
CA THR B 156 -1.76 -27.51 -10.85
C THR B 156 -1.62 -26.02 -10.52
N VAL B 157 -0.82 -25.74 -9.52
CA VAL B 157 -0.55 -24.38 -9.10
C VAL B 157 0.65 -23.84 -9.91
N GLU B 158 0.42 -22.77 -10.66
CA GLU B 158 1.53 -21.99 -11.25
C GLU B 158 2.05 -20.89 -10.27
N PHE B 159 3.20 -21.10 -9.68
CA PHE B 159 3.84 -20.04 -8.86
C PHE B 159 4.54 -19.07 -9.78
N CYS B 160 4.10 -17.82 -9.77
CA CYS B 160 4.54 -16.84 -10.77
C CYS B 160 5.06 -15.47 -10.28
N TYR B 161 5.00 -15.20 -8.97
CA TYR B 161 5.34 -13.88 -8.45
C TYR B 161 5.73 -13.97 -6.99
N LEU B 162 6.72 -13.16 -6.61
CA LEU B 162 7.20 -13.01 -5.24
C LEU B 162 7.47 -11.52 -5.05
N HIS B 163 6.83 -10.96 -4.03
CA HIS B 163 6.75 -9.57 -3.93
C HIS B 163 8.07 -9.00 -3.46
N GLN B 164 8.50 -7.92 -4.10
CA GLN B 164 9.87 -7.36 -3.80
C GLN B 164 9.98 -5.88 -3.64
N ILE B 165 9.30 -5.14 -4.51
CA ILE B 165 9.56 -3.72 -4.72
C ILE B 165 8.30 -2.88 -4.67
N GLU B 166 8.41 -1.70 -4.04
CA GLU B 166 7.45 -0.63 -4.21
C GLU B 166 8.17 0.54 -4.84
N LEU B 167 7.79 0.85 -6.07
CA LEU B 167 8.41 1.95 -6.82
C LEU B 167 8.01 3.28 -6.18
N GLY B 168 8.72 4.35 -6.55
CA GLY B 168 8.43 5.71 -6.02
C GLY B 168 7.06 6.14 -6.37
N SER B 169 6.58 5.68 -7.55
CA SER B 169 5.15 5.89 -7.87
C SER B 169 4.13 5.21 -6.95
N GLY B 170 4.54 4.21 -6.12
CA GLY B 170 3.51 3.30 -5.42
C GLY B 170 3.12 2.01 -6.14
N ALA B 171 3.54 1.89 -7.39
CA ALA B 171 3.36 0.66 -8.17
C ALA B 171 4.34 -0.45 -7.69
N HIS B 172 3.92 -1.68 -7.88
CA HIS B 172 4.56 -2.82 -7.23
C HIS B 172 5.18 -3.75 -8.22
N VAL B 173 6.30 -4.33 -7.85
CA VAL B 173 7.01 -5.23 -8.79
C VAL B 173 7.47 -6.42 -8.02
N GLY B 174 7.43 -7.59 -8.66
CA GLY B 174 7.98 -8.82 -8.04
C GLY B 174 8.99 -9.47 -8.95
N SER B 175 9.56 -10.56 -8.49
CA SER B 175 10.26 -11.48 -9.30
C SER B 175 9.46 -12.77 -9.56
N ASP B 176 9.90 -13.59 -10.52
CA ASP B 176 9.37 -14.95 -10.62
C ASP B 176 10.16 -15.80 -9.69
N PHE B 177 9.88 -17.07 -9.69
CA PHE B 177 10.57 -18.02 -8.76
C PHE B 177 11.93 -18.50 -9.24
N THR B 178 12.28 -18.16 -10.49
CA THR B 178 13.72 -18.26 -10.95
C THR B 178 14.60 -17.09 -10.51
N GLY B 179 13.98 -15.99 -10.08
CA GLY B 179 14.72 -14.83 -9.57
C GLY B 179 14.83 -13.67 -10.53
N SER B 180 14.29 -13.79 -11.75
CA SER B 180 14.15 -12.70 -12.65
C SER B 180 13.13 -11.73 -12.12
N VAL B 181 13.51 -10.46 -12.06
CA VAL B 181 12.60 -9.43 -11.71
C VAL B 181 11.80 -9.08 -12.92
N TYR B 182 10.49 -8.86 -12.75
CA TYR B 182 9.64 -8.54 -13.85
C TYR B 182 10.10 -7.24 -14.43
N GLY B 183 10.02 -7.10 -15.75
CA GLY B 183 10.49 -5.93 -16.49
C GLY B 183 11.96 -5.55 -16.26
N ASN B 184 12.76 -6.47 -15.76
CA ASN B 184 14.14 -6.21 -15.44
C ASN B 184 14.40 -4.95 -14.58
N PHE B 185 13.46 -4.56 -13.73
CA PHE B 185 13.79 -3.67 -12.63
C PHE B 185 14.85 -4.36 -11.78
N ASP B 186 15.48 -3.58 -10.98
CA ASP B 186 16.51 -4.04 -10.12
C ASP B 186 16.00 -4.11 -8.68
N ASP B 187 16.47 -5.08 -7.91
CA ASP B 187 16.08 -5.21 -6.52
C ASP B 187 17.01 -4.46 -5.68
N GLN B 188 16.93 -3.15 -5.83
CA GLN B 188 17.76 -2.20 -5.09
C GLN B 188 16.90 -1.01 -4.77
N PRO B 189 17.22 -0.37 -3.68
CA PRO B 189 16.49 0.86 -3.38
C PRO B 189 17.06 2.04 -4.11
N SER B 190 17.00 2.04 -5.42
CA SER B 190 17.37 3.18 -6.20
C SER B 190 16.16 3.57 -7.07
N LEU B 191 16.19 4.79 -7.58
CA LEU B 191 15.08 5.38 -8.25
C LEU B 191 14.99 4.68 -9.59
N GLN B 192 13.91 3.95 -9.79
CA GLN B 192 13.53 3.41 -11.09
C GLN B 192 12.15 3.89 -11.42
N VAL B 193 11.91 4.13 -12.70
CA VAL B 193 10.64 4.63 -13.19
C VAL B 193 10.14 3.66 -14.24
N GLU B 194 8.90 3.24 -14.03
CA GLU B 194 8.20 2.36 -14.98
C GLU B 194 7.71 3.11 -16.18
N SER B 195 7.54 2.40 -17.28
CA SER B 195 6.79 2.93 -18.44
C SER B 195 5.41 3.35 -18.02
N ALA B 196 4.79 4.13 -18.82
CA ALA B 196 3.38 4.42 -18.61
C ALA B 196 2.48 3.18 -18.83
N ASN B 197 1.48 3.03 -17.99
CA ASN B 197 0.53 1.98 -18.15
C ASN B 197 -0.44 2.22 -19.34
N LEU B 198 -0.40 1.28 -20.27
CA LEU B 198 -1.39 1.13 -21.35
C LEU B 198 -2.61 0.30 -20.91
N MET B 199 -3.77 0.85 -21.17
CA MET B 199 -5.04 0.15 -21.01
C MET B 199 -5.10 -1.11 -21.85
N LEU B 200 -5.49 -2.24 -21.25
CA LEU B 200 -5.42 -3.54 -21.97
C LEU B 200 -6.68 -3.64 -22.83
N SER B 201 -6.48 -3.61 -24.13
CA SER B 201 -7.60 -3.46 -25.06
C SER B 201 -8.39 -4.75 -25.09
N ASP B 202 -7.69 -5.86 -25.14
CA ASP B 202 -8.33 -7.17 -25.04
C ASP B 202 -9.33 -7.26 -23.92
N ASN B 203 -8.93 -6.75 -22.76
CA ASN B 203 -9.75 -6.84 -21.57
C ASN B 203 -10.90 -5.89 -21.66
N VAL B 204 -10.72 -4.75 -22.31
CA VAL B 204 -11.82 -3.80 -22.36
C VAL B 204 -12.92 -4.36 -23.30
N VAL B 205 -12.51 -5.09 -24.33
CA VAL B 205 -13.42 -5.70 -25.28
C VAL B 205 -14.21 -6.76 -24.55
N ALA B 206 -13.52 -7.64 -23.82
CA ALA B 206 -14.19 -8.61 -22.99
C ALA B 206 -15.23 -7.94 -22.08
N PHE B 207 -14.84 -6.86 -21.46
CA PHE B 207 -15.73 -6.16 -20.51
C PHE B 207 -16.99 -5.64 -21.13
N LEU B 208 -16.88 -5.21 -22.36
CA LEU B 208 -18.03 -4.60 -22.97
C LEU B 208 -19.02 -5.67 -23.31
N TYR B 209 -18.54 -6.75 -23.91
CA TYR B 209 -19.39 -7.89 -24.08
C TYR B 209 -20.11 -8.27 -22.80
N ALA B 210 -19.39 -8.40 -21.69
CA ALA B 210 -20.01 -8.70 -20.42
C ALA B 210 -21.10 -7.70 -20.07
N ALA B 211 -20.90 -6.44 -20.44
CA ALA B 211 -21.96 -5.45 -20.28
C ALA B 211 -23.22 -5.72 -21.09
N LEU B 212 -23.06 -6.15 -22.33
CA LEU B 212 -24.22 -6.47 -23.18
C LEU B 212 -25.07 -7.57 -22.55
N LEU B 213 -24.39 -8.65 -22.19
CA LEU B 213 -24.98 -9.83 -21.59
C LEU B 213 -25.55 -9.62 -20.19
N ASN B 214 -25.14 -8.58 -19.48
CA ASN B 214 -25.73 -8.26 -18.17
C ASN B 214 -26.76 -7.11 -18.29
N GLY B 215 -27.18 -6.76 -19.51
CA GLY B 215 -28.20 -5.71 -19.72
C GLY B 215 -27.82 -4.22 -19.74
N CYS B 216 -26.52 -3.87 -19.77
CA CYS B 216 -26.08 -2.46 -19.95
C CYS B 216 -25.74 -2.29 -21.42
N ARG B 217 -26.54 -1.54 -22.16
CA ARG B 217 -26.34 -1.47 -23.60
C ARG B 217 -26.35 -0.07 -24.26
N TRP B 218 -26.62 0.97 -23.46
CA TRP B 218 -26.78 2.35 -23.99
C TRP B 218 -25.57 2.89 -24.77
N TRP B 219 -24.38 2.65 -24.24
CA TRP B 219 -23.08 3.15 -24.81
C TRP B 219 -22.80 2.71 -26.23
N LEU B 220 -23.60 1.78 -26.72
CA LEU B 220 -23.37 1.21 -28.00
C LEU B 220 -23.84 2.24 -29.01
N CYS B 221 -22.94 2.85 -29.79
CA CYS B 221 -23.38 3.53 -31.02
C CYS B 221 -22.96 2.68 -32.18
N SER B 222 -23.78 2.57 -33.19
CA SER B 222 -23.54 1.61 -34.25
C SER B 222 -22.52 2.13 -35.26
N THR B 223 -21.25 2.01 -34.91
CA THR B 223 -20.18 2.52 -35.74
C THR B 223 -19.31 1.32 -35.95
N ARG B 224 -18.41 1.39 -36.92
CA ARG B 224 -17.39 0.35 -37.11
C ARG B 224 -15.98 0.84 -37.27
N VAL B 225 -15.02 0.02 -36.83
CA VAL B 225 -13.61 0.31 -36.94
C VAL B 225 -12.85 -0.97 -37.11
N ASN B 226 -12.02 -0.96 -38.10
CA ASN B 226 -11.19 -2.08 -38.46
C ASN B 226 -10.07 -2.27 -37.38
N VAL B 227 -9.50 -3.49 -37.31
CA VAL B 227 -8.39 -3.90 -36.36
C VAL B 227 -7.18 -2.93 -36.42
N ASP B 228 -6.62 -2.79 -37.62
CA ASP B 228 -5.45 -1.94 -37.86
C ASP B 228 -5.72 -0.46 -37.51
N GLY B 229 -6.91 0.03 -37.87
CA GLY B 229 -7.34 1.42 -37.57
C GLY B 229 -7.56 1.72 -36.10
N PHE B 230 -8.00 0.70 -35.36
CA PHE B 230 -8.02 0.77 -33.91
C PHE B 230 -6.62 0.74 -33.31
N ASN B 231 -5.80 -0.24 -33.68
CA ASN B 231 -4.40 -0.36 -33.25
C ASN B 231 -3.56 0.88 -33.45
N GLU B 232 -3.75 1.52 -34.61
CA GLU B 232 -3.16 2.81 -34.89
C GLU B 232 -3.70 3.84 -33.88
N TRP B 233 -5.01 3.97 -33.72
CA TRP B 233 -5.55 4.90 -32.68
C TRP B 233 -5.11 4.59 -31.22
N ALA B 234 -4.87 3.31 -30.94
CA ALA B 234 -4.36 2.81 -29.65
C ALA B 234 -3.01 3.39 -29.21
N MET B 235 -1.97 3.21 -30.05
CA MET B 235 -0.62 3.84 -29.84
C MET B 235 -0.73 5.33 -29.49
N ALA B 236 -1.63 6.04 -30.13
CA ALA B 236 -1.81 7.43 -29.85
C ALA B 236 -2.54 7.72 -28.57
N ASN B 237 -3.34 6.80 -28.00
CA ASN B 237 -4.20 7.17 -26.83
C ASN B 237 -3.99 6.38 -25.53
N GLY B 238 -3.04 5.45 -25.55
CA GLY B 238 -2.61 4.71 -24.36
C GLY B 238 -3.44 3.45 -24.19
N TYR B 239 -3.47 2.63 -25.26
CA TYR B 239 -4.21 1.37 -25.31
C TYR B 239 -3.26 0.44 -25.97
N THR B 240 -3.34 -0.81 -25.62
CA THR B 240 -2.60 -1.82 -26.36
C THR B 240 -3.29 -2.05 -27.70
N SER B 241 -2.60 -2.83 -28.52
CA SER B 241 -3.23 -3.48 -29.65
C SER B 241 -4.26 -4.49 -29.20
N VAL B 242 -5.19 -4.79 -30.12
CA VAL B 242 -6.18 -5.84 -29.92
C VAL B 242 -5.68 -7.13 -30.61
N SER B 243 -5.80 -8.26 -29.92
CA SER B 243 -5.38 -9.58 -30.46
C SER B 243 -6.42 -10.12 -31.41
N SER B 244 -6.20 -11.36 -31.85
CA SER B 244 -7.14 -12.03 -32.74
C SER B 244 -8.62 -11.74 -32.40
N VAL B 245 -9.29 -11.12 -33.38
CA VAL B 245 -10.74 -10.94 -33.43
C VAL B 245 -11.55 -12.22 -33.08
N GLU B 246 -11.08 -13.38 -33.57
CA GLU B 246 -11.82 -14.67 -33.50
C GLU B 246 -11.80 -15.38 -32.13
N CYS B 247 -10.85 -15.00 -31.28
CA CYS B 247 -10.93 -15.30 -29.85
C CYS B 247 -12.28 -14.87 -29.25
N TYR B 248 -12.90 -13.81 -29.79
CA TYR B 248 -14.22 -13.30 -29.30
C TYR B 248 -15.47 -13.85 -30.06
N SER B 249 -15.31 -14.88 -30.90
CA SER B 249 -16.42 -15.35 -31.77
C SER B 249 -17.65 -15.81 -30.95
N ILE B 250 -17.42 -16.55 -29.86
CA ILE B 250 -18.51 -17.04 -29.01
C ILE B 250 -19.41 -15.91 -28.56
N LEU B 251 -18.80 -14.79 -28.20
CA LEU B 251 -19.54 -13.66 -27.66
C LEU B 251 -20.17 -12.75 -28.72
N ALA B 252 -19.47 -12.59 -29.85
CA ALA B 252 -20.00 -11.95 -31.04
C ALA B 252 -21.31 -12.62 -31.46
N ALA B 253 -21.28 -13.95 -31.52
CA ALA B 253 -22.50 -14.77 -31.71
C ALA B 253 -23.58 -14.44 -30.66
N LYS B 254 -23.32 -14.66 -29.38
CA LYS B 254 -24.35 -14.49 -28.35
C LYS B 254 -24.92 -13.08 -28.14
N THR B 255 -24.17 -12.05 -28.51
CA THR B 255 -24.66 -10.67 -28.39
C THR B 255 -25.14 -10.08 -29.71
N GLY B 256 -24.65 -10.66 -30.81
CA GLY B 256 -24.88 -10.15 -32.16
C GLY B 256 -24.11 -8.89 -32.50
N VAL B 257 -23.11 -8.54 -31.68
CA VAL B 257 -22.32 -7.31 -31.84
C VAL B 257 -20.91 -7.77 -32.19
N SER B 258 -20.32 -7.16 -33.19
CA SER B 258 -19.02 -7.57 -33.64
C SER B 258 -17.93 -6.86 -32.82
N VAL B 259 -16.74 -7.46 -32.84
CA VAL B 259 -15.57 -6.87 -32.13
C VAL B 259 -15.32 -5.44 -32.66
N GLU B 260 -15.31 -5.31 -33.99
CA GLU B 260 -15.16 -4.03 -34.71
C GLU B 260 -16.09 -2.94 -34.21
N GLN B 261 -17.31 -3.31 -33.88
CA GLN B 261 -18.26 -2.37 -33.30
C GLN B 261 -17.92 -1.95 -31.86
N LEU B 262 -17.32 -2.89 -31.15
CA LEU B 262 -16.83 -2.58 -29.81
C LEU B 262 -15.60 -1.67 -29.91
N LEU B 263 -14.69 -1.97 -30.84
CA LEU B 263 -13.47 -1.14 -31.06
C LEU B 263 -13.82 0.36 -31.21
N ALA B 264 -14.86 0.63 -31.99
CA ALA B 264 -15.39 1.98 -32.15
C ALA B 264 -16.00 2.51 -30.85
N SER B 265 -16.77 1.65 -30.20
CA SER B 265 -17.36 2.01 -28.94
C SER B 265 -16.23 2.48 -28.03
N ILE B 266 -15.08 1.74 -27.98
CA ILE B 266 -13.86 2.11 -27.19
C ILE B 266 -13.44 3.54 -27.56
N GLN B 267 -13.21 3.76 -28.86
CA GLN B 267 -12.82 5.09 -29.40
C GLN B 267 -13.75 6.18 -28.95
N HIS B 268 -15.04 5.97 -29.13
CA HIS B 268 -16.06 6.94 -28.69
C HIS B 268 -16.11 7.06 -27.13
N LEU B 269 -16.06 5.91 -26.47
CA LEU B 269 -16.31 5.83 -25.02
C LEU B 269 -15.13 6.46 -24.29
N HIS B 270 -13.96 6.41 -24.93
CA HIS B 270 -12.76 7.01 -24.36
C HIS B 270 -12.98 8.46 -23.88
N GLU B 271 -13.72 9.23 -24.67
CA GLU B 271 -13.96 10.66 -24.35
C GLU B 271 -14.73 10.89 -23.05
N GLY B 272 -15.60 9.96 -22.71
CA GLY B 272 -16.44 10.20 -21.55
C GLY B 272 -17.58 9.27 -21.58
N PHE B 273 -18.20 9.11 -20.42
CA PHE B 273 -19.39 8.30 -20.29
C PHE B 273 -20.62 9.17 -20.08
N GLY B 274 -20.47 10.49 -20.12
CA GLY B 274 -21.58 11.38 -19.83
C GLY B 274 -22.12 11.24 -18.41
N GLY B 275 -21.28 10.86 -17.43
CA GLY B 275 -21.71 10.71 -16.02
C GLY B 275 -22.58 9.51 -15.70
N LYS B 276 -22.72 8.58 -16.65
CA LYS B 276 -23.53 7.38 -16.49
C LYS B 276 -22.59 6.26 -16.08
N ASN B 277 -23.11 5.04 -16.02
CA ASN B 277 -22.25 3.86 -15.78
C ASN B 277 -22.41 2.66 -16.72
N ILE B 278 -21.43 1.77 -16.60
CA ILE B 278 -21.49 0.43 -17.16
C ILE B 278 -21.11 -0.54 -16.04
N LEU B 279 -21.95 -1.57 -15.83
CA LEU B 279 -21.85 -2.48 -14.68
C LEU B 279 -21.32 -1.82 -13.40
N GLY B 280 -21.75 -0.59 -13.15
CA GLY B 280 -21.27 0.22 -12.03
C GLY B 280 -19.97 1.00 -12.23
N TYR B 281 -19.20 0.71 -13.27
CA TYR B 281 -17.92 1.42 -13.54
C TYR B 281 -18.22 2.71 -14.31
N SER B 282 -17.75 3.86 -13.83
CA SER B 282 -18.00 5.13 -14.54
C SER B 282 -17.14 5.37 -15.78
N SER B 283 -16.02 4.65 -15.97
CA SER B 283 -15.18 4.77 -17.18
C SER B 283 -14.88 3.37 -17.66
N LEU B 284 -14.12 3.22 -18.73
CA LEU B 284 -13.75 1.91 -19.19
C LEU B 284 -12.99 1.10 -18.14
N CYS B 285 -13.13 -0.22 -18.28
CA CYS B 285 -12.60 -1.16 -17.33
C CYS B 285 -11.78 -2.14 -18.12
N ASP B 286 -10.52 -2.26 -17.73
CA ASP B 286 -9.64 -3.26 -18.31
C ASP B 286 -9.19 -4.30 -17.27
N GLU B 287 -9.94 -4.39 -16.18
CA GLU B 287 -9.67 -5.43 -15.13
C GLU B 287 -9.88 -6.88 -15.44
N PHE B 288 -10.72 -7.16 -16.43
CA PHE B 288 -11.16 -8.52 -16.68
C PHE B 288 -10.73 -8.99 -18.02
N THR B 289 -10.09 -10.14 -18.01
CA THR B 289 -9.74 -10.84 -19.22
C THR B 289 -10.97 -11.47 -19.82
N LEU B 290 -10.78 -12.00 -21.03
CA LEU B 290 -11.79 -12.66 -21.80
C LEU B 290 -12.15 -13.93 -21.05
N ALA B 291 -11.13 -14.73 -20.70
CA ALA B 291 -11.28 -15.99 -19.98
C ALA B 291 -12.04 -15.78 -18.69
N GLU B 292 -11.79 -14.67 -18.01
CA GLU B 292 -12.51 -14.35 -16.79
C GLU B 292 -13.95 -14.03 -17.03
N VAL B 293 -14.22 -13.36 -18.12
CA VAL B 293 -15.58 -12.97 -18.44
C VAL B 293 -16.40 -14.20 -18.79
N VAL B 294 -15.85 -15.09 -19.59
CA VAL B 294 -16.52 -16.28 -20.05
C VAL B 294 -16.80 -17.20 -18.87
N LYS B 295 -15.78 -17.40 -18.02
CA LYS B 295 -15.95 -18.17 -16.81
C LYS B 295 -17.03 -17.56 -15.86
N GLN B 296 -17.13 -16.26 -15.75
CA GLN B 296 -18.18 -15.70 -14.88
C GLN B 296 -19.58 -15.59 -15.49
N MET B 297 -19.69 -15.69 -16.81
CA MET B 297 -21.01 -15.70 -17.47
C MET B 297 -21.52 -17.14 -17.67
N TYR B 298 -20.63 -18.07 -17.94
CA TYR B 298 -20.94 -19.37 -18.48
C TYR B 298 -20.27 -20.58 -17.81
N GLY B 299 -19.46 -20.40 -16.76
CA GLY B 299 -18.55 -21.50 -16.29
C GLY B 299 -17.69 -22.07 -17.41
N SER C 1 1.97 0.91 0.37
CA SER C 1 0.86 1.67 -0.27
C SER C 1 -0.06 0.90 -1.20
N GLY C 2 -1.10 1.59 -1.63
CA GLY C 2 -2.17 1.07 -2.46
C GLY C 2 -3.39 0.73 -1.61
N LEU C 3 -4.55 0.61 -2.27
CA LEU C 3 -5.79 0.18 -1.66
C LEU C 3 -6.41 -0.75 -2.65
N LYS C 4 -6.75 -1.96 -2.17
CA LYS C 4 -7.24 -3.00 -3.06
C LYS C 4 -8.31 -3.79 -2.31
N LYS C 5 -9.46 -3.96 -2.98
CA LYS C 5 -10.50 -4.83 -2.44
C LYS C 5 -9.97 -6.26 -2.42
N MET C 6 -9.83 -6.79 -1.24
CA MET C 6 -9.29 -8.09 -1.01
C MET C 6 -10.30 -8.92 -0.26
N ALA C 7 -10.07 -10.23 -0.25
CA ALA C 7 -10.72 -11.13 0.67
C ALA C 7 -9.78 -11.63 1.74
N GLN C 8 -10.34 -12.02 2.89
CA GLN C 8 -9.55 -12.79 3.82
C GLN C 8 -9.29 -14.17 3.26
N PRO C 9 -8.17 -14.78 3.65
CA PRO C 9 -7.80 -16.05 3.05
C PRO C 9 -8.90 -17.10 3.26
N SER C 10 -9.12 -17.92 2.23
CA SER C 10 -10.22 -18.84 2.13
C SER C 10 -9.93 -20.31 2.58
N GLY C 11 -8.69 -20.69 2.89
CA GLY C 11 -8.34 -22.11 3.24
C GLY C 11 -9.21 -22.82 4.28
N CYS C 12 -9.36 -22.20 5.46
CA CYS C 12 -10.16 -22.73 6.56
C CYS C 12 -11.66 -22.98 6.14
N VAL C 13 -12.18 -22.15 5.23
CA VAL C 13 -13.51 -22.31 4.73
C VAL C 13 -13.65 -23.31 3.62
N GLU C 14 -12.66 -23.39 2.75
CA GLU C 14 -12.68 -24.38 1.66
C GLU C 14 -12.84 -25.82 2.20
N ARG C 15 -12.28 -26.04 3.37
CA ARG C 15 -12.28 -27.34 3.94
C ARG C 15 -13.66 -27.75 4.53
N CYS C 16 -14.57 -26.76 4.67
CA CYS C 16 -15.95 -26.98 5.03
C CYS C 16 -16.94 -27.06 3.89
N VAL C 17 -16.52 -26.99 2.64
CA VAL C 17 -17.47 -26.90 1.57
C VAL C 17 -17.73 -28.27 1.01
N VAL C 18 -19.01 -28.58 0.79
CA VAL C 18 -19.42 -29.92 0.37
C VAL C 18 -20.41 -29.81 -0.74
N ARG C 19 -20.45 -30.85 -1.55
CA ARG C 19 -21.47 -30.97 -2.61
C ARG C 19 -22.75 -31.64 -2.01
N VAL C 20 -23.92 -31.05 -2.25
CA VAL C 20 -25.20 -31.56 -1.72
C VAL C 20 -26.11 -31.74 -2.90
N CYS C 21 -26.45 -33.02 -3.13
CA CYS C 21 -27.41 -33.39 -4.19
C CYS C 21 -28.74 -33.92 -3.58
N TYR C 22 -29.89 -33.50 -4.09
CA TYR C 22 -31.15 -34.15 -3.72
C TYR C 22 -31.79 -34.42 -5.03
N GLY C 23 -31.89 -35.70 -5.36
CA GLY C 23 -32.55 -36.10 -6.56
C GLY C 23 -31.61 -35.70 -7.67
N SER C 24 -32.10 -34.84 -8.58
CA SER C 24 -31.25 -34.29 -9.63
C SER C 24 -30.72 -32.84 -9.30
N THR C 25 -31.18 -32.22 -8.23
CA THR C 25 -30.80 -30.86 -7.90
C THR C 25 -29.44 -30.90 -7.19
N VAL C 26 -28.49 -30.12 -7.70
CA VAL C 26 -27.16 -30.02 -7.07
C VAL C 26 -26.81 -28.59 -6.62
N LEU C 27 -26.28 -28.43 -5.41
CA LEU C 27 -25.80 -27.14 -4.92
C LEU C 27 -24.75 -27.40 -3.84
N ASN C 28 -24.39 -26.38 -3.05
CA ASN C 28 -23.31 -26.49 -2.07
C ASN C 28 -23.82 -26.46 -0.68
N GLY C 29 -23.04 -27.00 0.25
CA GLY C 29 -23.34 -26.76 1.65
C GLY C 29 -22.09 -26.63 2.46
N VAL C 30 -22.25 -26.42 3.74
CA VAL C 30 -21.14 -26.14 4.61
C VAL C 30 -21.18 -27.13 5.78
N TRP C 31 -20.08 -27.86 5.92
CA TRP C 31 -19.88 -28.94 6.83
C TRP C 31 -19.11 -28.52 8.06
N LEU C 32 -19.83 -28.36 9.16
CA LEU C 32 -19.24 -28.05 10.41
C LEU C 32 -19.66 -29.13 11.44
N GLY C 33 -18.67 -29.72 12.13
CA GLY C 33 -18.92 -30.77 13.08
C GLY C 33 -19.55 -31.88 12.29
N ASP C 34 -20.72 -32.34 12.75
CA ASP C 34 -21.42 -33.40 12.00
C ASP C 34 -22.69 -32.93 11.31
N THR C 35 -22.71 -31.62 11.00
CA THR C 35 -23.88 -30.98 10.35
C THR C 35 -23.46 -30.27 9.06
N VAL C 36 -24.21 -30.49 7.99
CA VAL C 36 -24.07 -29.82 6.73
C VAL C 36 -25.25 -28.85 6.57
N THR C 37 -24.95 -27.53 6.50
CA THR C 37 -26.00 -26.56 6.26
C THR C 37 -26.11 -26.23 4.78
N CYS C 38 -27.33 -26.13 4.28
CA CYS C 38 -27.55 -25.85 2.87
C CYS C 38 -28.94 -25.19 2.69
N PRO C 39 -29.18 -24.61 1.52
CA PRO C 39 -30.45 -23.97 1.29
C PRO C 39 -31.55 -25.03 1.08
N ARG C 40 -32.71 -24.77 1.66
CA ARG C 40 -33.79 -25.74 1.68
C ARG C 40 -34.35 -26.03 0.33
N HIS C 41 -34.26 -25.07 -0.60
CA HIS C 41 -34.76 -25.27 -1.94
C HIS C 41 -34.06 -26.33 -2.72
N VAL C 42 -33.02 -26.96 -2.15
CA VAL C 42 -32.46 -28.19 -2.73
C VAL C 42 -33.49 -29.34 -2.81
N ILE C 43 -34.45 -29.39 -1.88
CA ILE C 43 -35.57 -30.39 -1.91
C ILE C 43 -36.84 -29.98 -2.69
N ALA C 44 -36.85 -28.78 -3.25
CA ALA C 44 -37.96 -28.32 -4.06
C ALA C 44 -38.11 -29.17 -5.32
N PRO C 45 -39.37 -29.54 -5.65
CA PRO C 45 -39.51 -30.43 -6.79
C PRO C 45 -39.14 -29.69 -8.08
N SER C 46 -39.40 -28.39 -8.12
CA SER C 46 -38.77 -27.51 -9.12
C SER C 46 -38.65 -26.13 -8.48
N THR C 47 -37.64 -25.37 -8.90
CA THR C 47 -37.41 -24.01 -8.37
C THR C 47 -37.90 -22.92 -9.34
N THR C 48 -38.63 -23.30 -10.38
CA THR C 48 -39.15 -22.38 -11.40
C THR C 48 -40.61 -21.98 -11.14
N VAL C 49 -41.31 -22.59 -10.16
CA VAL C 49 -42.70 -22.22 -9.77
C VAL C 49 -42.75 -22.08 -8.24
N LEU C 50 -43.77 -21.40 -7.71
CA LEU C 50 -43.88 -21.28 -6.24
C LEU C 50 -43.76 -22.65 -5.56
N ILE C 51 -43.11 -22.63 -4.38
CA ILE C 51 -42.68 -23.86 -3.73
C ILE C 51 -43.48 -23.96 -2.45
N ASP C 52 -44.12 -25.13 -2.28
CA ASP C 52 -44.77 -25.51 -1.01
C ASP C 52 -43.70 -26.25 -0.25
N TYR C 53 -43.09 -25.53 0.67
CA TYR C 53 -42.00 -26.05 1.45
C TYR C 53 -42.38 -27.08 2.49
N ASP C 54 -43.46 -26.81 3.25
CA ASP C 54 -44.00 -27.81 4.22
C ASP C 54 -44.26 -29.18 3.54
N HIS C 55 -44.88 -29.16 2.36
CA HIS C 55 -45.05 -30.38 1.58
C HIS C 55 -43.75 -31.04 1.16
N ALA C 56 -42.83 -30.22 0.63
CA ALA C 56 -41.63 -30.80 0.05
C ALA C 56 -40.79 -31.37 1.16
N TYR C 57 -40.81 -30.73 2.33
CA TYR C 57 -40.16 -31.32 3.54
C TYR C 57 -40.89 -32.60 4.12
N SER C 58 -42.22 -32.61 4.11
CA SER C 58 -43.03 -33.79 4.59
C SER C 58 -42.69 -35.05 3.82
N THR C 59 -42.67 -34.90 2.51
CA THR C 59 -42.42 -35.98 1.57
C THR C 59 -40.96 -36.26 1.29
N MET C 60 -40.07 -35.57 1.97
CA MET C 60 -38.65 -35.73 1.70
C MET C 60 -38.25 -37.13 2.13
N ARG C 61 -37.39 -37.76 1.33
CA ARG C 61 -36.75 -39.02 1.75
C ARG C 61 -35.22 -38.96 1.77
N LEU C 62 -34.68 -39.36 2.90
CA LEU C 62 -33.27 -39.37 3.11
C LEU C 62 -32.42 -39.99 2.00
N HIS C 63 -32.93 -41.05 1.37
CA HIS C 63 -32.14 -41.82 0.41
C HIS C 63 -31.97 -41.01 -0.88
N ASN C 64 -32.82 -40.02 -1.15
CA ASN C 64 -32.56 -39.12 -2.29
C ASN C 64 -31.32 -38.13 -2.13
N PHE C 65 -30.79 -37.97 -0.92
CA PHE C 65 -29.62 -37.14 -0.67
C PHE C 65 -28.38 -37.90 -1.05
N SER C 66 -27.40 -37.13 -1.60
CA SER C 66 -26.00 -37.51 -1.53
C SER C 66 -25.13 -36.29 -1.21
N VAL C 67 -24.32 -36.42 -0.20
CA VAL C 67 -23.51 -35.40 0.28
C VAL C 67 -22.08 -35.92 0.18
N SER C 68 -21.19 -35.14 -0.45
CA SER C 68 -19.73 -35.50 -0.61
C SER C 68 -18.75 -34.31 -0.36
N HIS C 69 -17.61 -34.63 0.22
CA HIS C 69 -16.52 -33.72 0.36
C HIS C 69 -15.37 -34.24 -0.50
N ASN C 70 -15.11 -33.53 -1.59
CA ASN C 70 -14.07 -33.86 -2.57
C ASN C 70 -14.24 -35.30 -3.08
N GLY C 71 -15.44 -35.70 -3.53
CA GLY C 71 -15.70 -37.12 -3.94
C GLY C 71 -15.87 -38.28 -2.92
N VAL C 72 -15.55 -38.02 -1.64
CA VAL C 72 -15.78 -38.94 -0.52
C VAL C 72 -17.23 -38.75 -0.09
N PHE C 73 -18.02 -39.82 -0.13
CA PHE C 73 -19.33 -39.78 0.50
C PHE C 73 -19.39 -39.62 1.94
N LEU C 74 -20.38 -38.85 2.36
CA LEU C 74 -20.76 -38.74 3.74
C LEU C 74 -22.10 -39.44 3.85
N GLY C 75 -22.34 -40.04 4.98
CA GLY C 75 -23.65 -40.68 5.23
C GLY C 75 -24.61 -39.71 5.92
N VAL C 76 -25.73 -39.51 5.26
CA VAL C 76 -26.86 -38.77 5.81
C VAL C 76 -27.70 -39.56 6.87
N VAL C 77 -27.77 -39.07 8.11
CA VAL C 77 -28.64 -39.64 9.13
C VAL C 77 -29.98 -38.94 9.37
N GLY C 78 -30.01 -37.63 9.18
CA GLY C 78 -31.21 -36.83 9.41
C GLY C 78 -31.16 -35.47 8.74
N VAL C 79 -32.34 -34.87 8.60
CA VAL C 79 -32.52 -33.55 8.10
C VAL C 79 -33.60 -32.81 8.82
N THR C 80 -33.26 -31.66 9.41
CA THR C 80 -34.26 -30.70 9.91
C THR C 80 -34.32 -29.41 9.03
N MET C 81 -35.36 -28.57 9.25
CA MET C 81 -35.59 -27.37 8.50
C MET C 81 -35.68 -26.19 9.46
N HIS C 82 -34.90 -25.17 9.15
CA HIS C 82 -34.85 -23.96 9.95
C HIS C 82 -34.90 -22.77 8.96
N GLY C 83 -36.02 -22.06 8.99
CA GLY C 83 -36.34 -21.04 8.03
C GLY C 83 -35.97 -21.54 6.66
N SER C 84 -34.94 -20.89 6.04
CA SER C 84 -34.58 -21.15 4.63
C SER C 84 -33.43 -22.11 4.47
N VAL C 85 -32.94 -22.68 5.58
CA VAL C 85 -31.93 -23.78 5.47
C VAL C 85 -32.41 -25.17 5.95
N LEU C 86 -31.74 -26.19 5.43
CA LEU C 86 -31.67 -27.52 6.04
C LEU C 86 -30.37 -27.76 6.80
N ARG C 87 -30.51 -28.45 7.94
CA ARG C 87 -29.38 -28.99 8.69
C ARG C 87 -29.34 -30.44 8.49
N ILE C 88 -28.43 -30.89 7.65
CA ILE C 88 -28.27 -32.30 7.37
C ILE C 88 -27.30 -32.93 8.35
N LYS C 89 -27.76 -33.85 9.25
CA LYS C 89 -26.84 -34.53 10.16
C LYS C 89 -26.14 -35.58 9.35
N VAL C 90 -24.85 -35.70 9.53
CA VAL C 90 -24.14 -36.75 8.82
C VAL C 90 -23.35 -37.58 9.79
N SER C 91 -22.90 -38.76 9.35
CA SER C 91 -22.18 -39.70 10.28
C SER C 91 -20.81 -39.19 10.66
N GLN C 92 -20.16 -38.55 9.68
CA GLN C 92 -18.74 -38.12 9.85
C GLN C 92 -18.61 -36.69 10.30
N SER C 93 -17.82 -36.47 11.32
CA SER C 93 -17.59 -35.16 11.86
C SER C 93 -16.39 -34.58 11.04
N ASN C 94 -16.47 -33.32 10.60
CA ASN C 94 -15.41 -32.69 9.79
C ASN C 94 -14.21 -32.42 10.72
N VAL C 95 -13.13 -33.13 10.45
CA VAL C 95 -11.94 -33.00 11.29
C VAL C 95 -11.28 -31.63 11.10
N HIS C 96 -11.57 -30.94 10.01
CA HIS C 96 -11.00 -29.62 9.79
C HIS C 96 -11.95 -28.50 10.10
N THR C 97 -12.91 -28.74 10.97
CA THR C 97 -13.85 -27.74 11.38
C THR C 97 -13.05 -26.67 12.11
N PRO C 98 -13.05 -25.43 11.60
CA PRO C 98 -12.36 -24.36 12.36
C PRO C 98 -13.15 -23.91 13.58
N LYS C 99 -12.48 -23.28 14.53
CA LYS C 99 -13.13 -22.53 15.55
C LYS C 99 -14.03 -21.46 14.90
N HIS C 100 -15.31 -21.47 15.24
CA HIS C 100 -16.28 -20.63 14.55
C HIS C 100 -17.52 -20.27 15.37
N VAL C 101 -18.24 -19.26 14.90
CA VAL C 101 -19.51 -18.83 15.43
C VAL C 101 -20.39 -18.51 14.25
N PHE C 102 -21.67 -18.33 14.51
CA PHE C 102 -22.57 -17.82 13.49
C PHE C 102 -22.83 -16.39 13.85
N LYS C 103 -22.92 -15.55 12.83
CA LYS C 103 -23.19 -14.15 13.06
C LYS C 103 -24.08 -13.63 11.98
N THR C 104 -25.05 -12.79 12.36
CA THR C 104 -25.89 -12.13 11.38
C THR C 104 -25.34 -10.71 10.99
N LEU C 105 -25.15 -10.47 9.70
CA LEU C 105 -24.60 -9.18 9.26
C LEU C 105 -25.64 -8.07 9.43
N LYS C 106 -25.17 -6.84 9.50
CA LYS C 106 -25.96 -5.60 9.38
C LYS C 106 -25.54 -4.81 8.20
N PRO C 107 -26.44 -3.94 7.67
CA PRO C 107 -25.99 -3.16 6.51
C PRO C 107 -24.74 -2.35 6.86
N GLY C 108 -23.82 -2.27 5.90
CA GLY C 108 -22.49 -1.63 6.13
C GLY C 108 -21.33 -2.54 6.48
N ASP C 109 -21.64 -3.72 7.03
CA ASP C 109 -20.61 -4.73 7.28
C ASP C 109 -20.01 -5.32 6.01
N SER C 110 -18.70 -5.39 6.06
CA SER C 110 -17.91 -6.12 5.05
C SER C 110 -17.86 -7.59 5.37
N PHE C 111 -17.81 -8.42 4.34
CA PHE C 111 -17.48 -9.85 4.59
C PHE C 111 -16.93 -10.41 3.31
N ASN C 112 -16.56 -11.70 3.36
CA ASN C 112 -16.03 -12.44 2.20
C ASN C 112 -16.97 -13.50 1.66
N ILE C 113 -17.06 -13.67 0.34
CA ILE C 113 -17.78 -14.76 -0.31
C ILE C 113 -16.79 -15.79 -0.90
N LEU C 114 -17.01 -17.06 -0.62
CA LEU C 114 -16.34 -18.11 -1.33
C LEU C 114 -17.35 -18.68 -2.27
N ALA C 115 -17.26 -18.25 -3.52
CA ALA C 115 -18.14 -18.73 -4.54
C ALA C 115 -17.77 -20.13 -4.88
N CYS C 116 -18.76 -21.04 -4.75
CA CYS C 116 -18.56 -22.48 -4.98
C CYS C 116 -19.50 -23.11 -6.02
N TYR C 117 -19.03 -24.15 -6.71
CA TYR C 117 -19.81 -24.92 -7.68
C TYR C 117 -19.49 -26.37 -7.44
N GLU C 118 -20.56 -27.21 -7.38
CA GLU C 118 -20.46 -28.67 -7.13
C GLU C 118 -19.65 -29.00 -5.93
N GLY C 119 -19.82 -28.24 -4.86
CA GLY C 119 -18.95 -28.50 -3.67
C GLY C 119 -17.49 -28.07 -3.71
N ILE C 120 -17.09 -27.33 -4.76
CA ILE C 120 -15.67 -26.93 -4.97
C ILE C 120 -15.54 -25.41 -5.11
N ALA C 121 -14.80 -24.81 -4.22
CA ALA C 121 -14.54 -23.37 -4.37
C ALA C 121 -13.88 -23.01 -5.71
N SER C 122 -14.45 -21.98 -6.31
CA SER C 122 -14.03 -21.46 -7.55
C SER C 122 -13.36 -20.06 -7.40
N GLY C 123 -13.83 -19.27 -6.47
CA GLY C 123 -13.33 -17.93 -6.27
C GLY C 123 -13.68 -17.29 -4.96
N VAL C 124 -12.97 -16.23 -4.60
CA VAL C 124 -13.17 -15.56 -3.34
C VAL C 124 -13.02 -14.03 -3.55
N PHE C 125 -13.92 -13.29 -2.91
CA PHE C 125 -14.03 -11.89 -3.08
C PHE C 125 -14.71 -11.23 -1.91
N GLY C 126 -14.30 -9.97 -1.65
CA GLY C 126 -14.83 -9.12 -0.56
C GLY C 126 -16.09 -8.38 -1.01
N VAL C 127 -17.03 -8.16 -0.10
CA VAL C 127 -18.34 -7.52 -0.41
C VAL C 127 -18.82 -6.90 0.82
N ASN C 128 -19.87 -6.17 0.66
CA ASN C 128 -20.42 -5.39 1.76
C ASN C 128 -21.92 -5.72 1.76
N LEU C 129 -22.50 -5.82 2.92
CA LEU C 129 -23.97 -5.89 2.94
C LEU C 129 -24.60 -4.51 2.81
N ARG C 130 -25.35 -4.31 1.75
CA ARG C 130 -25.92 -2.99 1.45
C ARG C 130 -27.09 -2.68 2.38
N THR C 131 -27.58 -1.45 2.26
CA THR C 131 -28.66 -0.91 3.08
C THR C 131 -30.00 -1.59 2.76
N ASN C 132 -30.15 -2.03 1.51
CA ASN C 132 -31.26 -2.80 1.03
C ASN C 132 -31.14 -4.37 1.23
N PHE C 133 -30.20 -4.76 2.08
CA PHE C 133 -29.94 -6.13 2.46
C PHE C 133 -29.54 -7.07 1.32
N THR C 134 -29.15 -6.56 0.16
CA THR C 134 -28.55 -7.34 -0.93
C THR C 134 -26.99 -7.20 -0.91
N ILE C 135 -26.34 -7.88 -1.85
CA ILE C 135 -24.96 -7.66 -2.16
C ILE C 135 -24.83 -7.73 -3.63
N LYS C 136 -23.71 -7.22 -4.15
CA LYS C 136 -23.46 -7.36 -5.59
C LYS C 136 -22.38 -8.34 -5.71
N GLY C 137 -22.69 -9.45 -6.35
CA GLY C 137 -21.88 -10.62 -6.37
C GLY C 137 -21.73 -10.98 -7.79
N SER C 138 -21.09 -12.11 -7.97
CA SER C 138 -21.08 -12.75 -9.20
C SER C 138 -21.36 -14.24 -8.90
N PHE C 139 -22.51 -14.71 -9.37
CA PHE C 139 -22.97 -16.08 -9.14
C PHE C 139 -23.78 -16.48 -10.37
N ILE C 140 -23.56 -17.68 -10.85
CA ILE C 140 -24.47 -18.34 -11.77
C ILE C 140 -25.06 -19.65 -11.16
N ASN C 141 -25.85 -20.37 -11.95
CA ASN C 141 -26.42 -21.67 -11.58
C ASN C 141 -25.43 -22.56 -10.95
N GLY C 142 -25.73 -22.96 -9.71
CA GLY C 142 -24.85 -23.87 -8.98
C GLY C 142 -24.22 -23.21 -7.79
N ALA C 143 -24.33 -21.88 -7.70
CA ALA C 143 -23.64 -21.14 -6.64
C ALA C 143 -24.33 -21.16 -5.31
N CYS C 144 -25.60 -21.53 -5.32
CA CYS C 144 -26.41 -21.60 -4.07
C CYS C 144 -25.75 -22.42 -3.01
N GLY C 145 -25.80 -21.91 -1.80
CA GLY C 145 -25.04 -22.48 -0.72
C GLY C 145 -23.59 -21.97 -0.58
N SER C 146 -23.07 -21.21 -1.55
CA SER C 146 -21.72 -20.57 -1.36
C SER C 146 -21.75 -19.77 -0.05
N PRO C 147 -20.76 -19.97 0.81
CA PRO C 147 -20.73 -19.27 2.08
C PRO C 147 -20.05 -17.89 2.05
N GLY C 148 -20.47 -17.09 3.03
CA GLY C 148 -19.90 -15.87 3.37
C GLY C 148 -19.42 -15.91 4.77
N TYR C 149 -18.28 -15.24 5.03
CA TYR C 149 -17.59 -15.37 6.29
C TYR C 149 -16.75 -14.14 6.56
N ASN C 150 -16.32 -14.03 7.81
CA ASN C 150 -15.28 -13.12 8.28
C ASN C 150 -14.42 -13.86 9.23
N VAL C 151 -13.16 -13.46 9.29
CA VAL C 151 -12.23 -14.11 10.20
C VAL C 151 -11.79 -13.05 11.16
N ARG C 152 -12.01 -13.32 12.41
CA ARG C 152 -11.62 -12.41 13.48
C ARG C 152 -10.13 -12.44 13.72
N ASN C 153 -9.62 -11.41 14.42
CA ASN C 153 -8.19 -11.32 14.79
C ASN C 153 -7.67 -12.55 15.47
N ASP C 154 -8.49 -13.14 16.33
CA ASP C 154 -8.10 -14.39 17.01
C ASP C 154 -8.19 -15.68 16.19
N GLY C 155 -8.61 -15.64 14.91
CA GLY C 155 -8.75 -16.89 14.08
C GLY C 155 -10.14 -17.53 14.03
N THR C 156 -11.10 -16.93 14.74
CA THR C 156 -12.51 -17.42 14.80
C THR C 156 -13.24 -17.09 13.52
N VAL C 157 -13.78 -18.11 12.87
CA VAL C 157 -14.51 -17.85 11.64
C VAL C 157 -15.95 -17.48 11.99
N GLU C 158 -16.44 -16.35 11.50
CA GLU C 158 -17.84 -16.00 11.62
C GLU C 158 -18.51 -16.39 10.34
N PHE C 159 -19.36 -17.41 10.38
CA PHE C 159 -20.15 -17.77 9.24
C PHE C 159 -21.40 -16.89 9.23
N CYS C 160 -21.69 -16.27 8.10
CA CYS C 160 -22.65 -15.22 8.10
C CYS C 160 -23.56 -15.13 6.89
N TYR C 161 -23.33 -15.94 5.87
CA TYR C 161 -24.14 -15.78 4.68
C TYR C 161 -24.13 -17.11 3.96
N LEU C 162 -25.25 -17.42 3.33
CA LEU C 162 -25.32 -18.58 2.51
C LEU C 162 -26.12 -18.19 1.30
N HIS C 163 -25.54 -18.37 0.13
CA HIS C 163 -26.11 -17.83 -1.06
C HIS C 163 -27.44 -18.57 -1.49
N GLN C 164 -28.48 -17.78 -1.81
CA GLN C 164 -29.86 -18.28 -2.11
C GLN C 164 -30.55 -17.73 -3.37
N ILE C 165 -30.44 -16.42 -3.55
CA ILE C 165 -31.33 -15.64 -4.39
C ILE C 165 -30.61 -14.68 -5.35
N GLU C 166 -31.01 -14.68 -6.61
CA GLU C 166 -30.71 -13.59 -7.59
C GLU C 166 -32.03 -12.91 -7.94
N LEU C 167 -32.20 -11.72 -7.39
CA LEU C 167 -33.35 -10.88 -7.75
C LEU C 167 -33.42 -10.53 -9.25
N GLY C 168 -34.59 -10.11 -9.70
CA GLY C 168 -34.78 -9.75 -11.13
C GLY C 168 -33.77 -8.69 -11.55
N SER C 169 -33.50 -7.77 -10.62
CA SER C 169 -32.48 -6.74 -10.81
C SER C 169 -31.04 -7.18 -10.95
N GLY C 170 -30.70 -8.42 -10.56
CA GLY C 170 -29.31 -8.96 -10.71
C GLY C 170 -28.55 -8.88 -9.40
N ALA C 171 -29.13 -8.16 -8.44
CA ALA C 171 -28.64 -8.14 -7.07
C ALA C 171 -28.90 -9.46 -6.31
N HIS C 172 -28.20 -9.65 -5.18
CA HIS C 172 -28.01 -11.01 -4.62
C HIS C 172 -28.38 -11.04 -3.18
N VAL C 173 -29.09 -12.11 -2.77
CA VAL C 173 -29.50 -12.23 -1.36
C VAL C 173 -29.18 -13.59 -0.80
N GLY C 174 -28.80 -13.63 0.46
CA GLY C 174 -28.56 -14.91 1.11
C GLY C 174 -29.32 -14.99 2.41
N SER C 175 -29.13 -16.11 3.10
CA SER C 175 -29.61 -16.20 4.47
C SER C 175 -28.43 -16.27 5.35
N ASP C 176 -28.62 -16.03 6.64
CA ASP C 176 -27.63 -16.41 7.61
C ASP C 176 -27.79 -17.96 7.92
N PHE C 177 -27.08 -18.44 8.93
CA PHE C 177 -26.92 -19.88 9.16
C PHE C 177 -28.02 -20.38 10.11
N THR C 178 -28.84 -19.46 10.63
CA THR C 178 -30.07 -19.80 11.32
C THR C 178 -31.21 -20.00 10.36
N GLY C 179 -31.06 -19.61 9.11
CA GLY C 179 -32.14 -19.68 8.14
C GLY C 179 -32.91 -18.36 7.92
N SER C 180 -32.69 -17.31 8.72
CA SER C 180 -33.29 -15.95 8.35
C SER C 180 -32.72 -15.40 7.03
N VAL C 181 -33.58 -15.17 6.04
CA VAL C 181 -33.19 -14.49 4.81
C VAL C 181 -32.95 -13.02 5.13
N TYR C 182 -31.84 -12.48 4.62
CA TYR C 182 -31.44 -11.10 4.92
C TYR C 182 -32.57 -10.20 4.36
N GLY C 183 -32.92 -9.19 5.12
CA GLY C 183 -34.00 -8.22 4.74
C GLY C 183 -35.39 -8.82 4.53
N ASN C 184 -35.63 -9.99 5.13
CA ASN C 184 -36.81 -10.79 4.87
C ASN C 184 -37.21 -10.94 3.45
N PHE C 185 -36.32 -11.01 2.49
CA PHE C 185 -36.75 -11.52 1.22
C PHE C 185 -37.28 -12.97 1.48
N ASP C 186 -37.84 -13.56 0.44
CA ASP C 186 -38.51 -14.80 0.56
C ASP C 186 -37.79 -15.65 -0.38
N ASP C 187 -37.58 -16.92 0.00
CA ASP C 187 -36.87 -17.85 -0.84
C ASP C 187 -37.78 -18.53 -1.80
N GLN C 188 -38.36 -17.69 -2.65
CA GLN C 188 -39.30 -18.14 -3.69
C GLN C 188 -38.87 -17.52 -4.99
N PRO C 189 -39.08 -18.23 -6.11
CA PRO C 189 -38.80 -17.63 -7.41
C PRO C 189 -39.95 -16.71 -7.86
N SER C 190 -40.34 -15.78 -7.02
CA SER C 190 -41.26 -14.78 -7.42
C SER C 190 -40.47 -13.45 -7.47
N LEU C 191 -40.97 -12.54 -8.32
CA LEU C 191 -40.42 -11.20 -8.46
C LEU C 191 -40.52 -10.44 -7.15
N GLN C 192 -39.37 -10.09 -6.58
CA GLN C 192 -39.30 -9.22 -5.41
C GLN C 192 -38.35 -8.06 -5.73
N VAL C 193 -38.68 -6.87 -5.22
CA VAL C 193 -38.02 -5.63 -5.57
C VAL C 193 -37.42 -5.01 -4.32
N GLU C 194 -36.07 -4.98 -4.30
CA GLU C 194 -35.24 -4.36 -3.23
C GLU C 194 -35.52 -2.85 -3.14
N SER C 195 -35.47 -2.26 -1.95
CA SER C 195 -35.25 -0.82 -1.85
C SER C 195 -34.07 -0.35 -2.74
N ALA C 196 -34.02 0.97 -3.00
CA ALA C 196 -32.94 1.54 -3.81
C ALA C 196 -31.73 1.55 -2.90
N ASN C 197 -30.61 1.12 -3.49
CA ASN C 197 -29.36 1.11 -2.74
C ASN C 197 -28.93 2.52 -2.30
N LEU C 198 -28.59 2.64 -1.03
CA LEU C 198 -28.00 3.84 -0.48
C LEU C 198 -26.45 3.73 -0.34
N MET C 199 -25.73 4.64 -1.03
CA MET C 199 -24.27 4.73 -0.97
C MET C 199 -23.83 4.94 0.50
N LEU C 200 -22.84 4.16 0.94
CA LEU C 200 -22.48 4.16 2.34
C LEU C 200 -21.47 5.26 2.57
N SER C 201 -21.95 6.31 3.21
CA SER C 201 -21.21 7.53 3.32
C SER C 201 -19.94 7.36 4.14
N ASP C 202 -20.04 6.64 5.26
CA ASP C 202 -18.86 6.26 6.03
C ASP C 202 -17.73 5.63 5.21
N ASN C 203 -18.06 4.80 4.26
CA ASN C 203 -17.06 4.11 3.48
C ASN C 203 -16.48 5.04 2.40
N VAL C 204 -17.31 5.92 1.84
CA VAL C 204 -16.83 6.84 0.82
C VAL C 204 -15.85 7.81 1.47
N VAL C 205 -16.05 8.14 2.75
CA VAL C 205 -15.12 8.97 3.50
C VAL C 205 -13.74 8.32 3.67
N ALA C 206 -13.76 7.10 4.20
CA ALA C 206 -12.57 6.30 4.38
C ALA C 206 -11.82 6.15 3.05
N PHE C 207 -12.57 5.94 1.97
CA PHE C 207 -11.99 5.79 0.63
C PHE C 207 -11.24 7.00 0.13
N LEU C 208 -11.77 8.19 0.38
CA LEU C 208 -11.00 9.35 -0.12
C LEU C 208 -9.90 9.79 0.81
N TYR C 209 -10.02 9.51 2.09
CA TYR C 209 -8.83 9.59 2.87
C TYR C 209 -7.69 8.71 2.35
N ALA C 210 -8.04 7.49 1.97
CA ALA C 210 -7.07 6.60 1.37
C ALA C 210 -6.49 7.20 0.09
N ALA C 211 -7.33 7.83 -0.74
CA ALA C 211 -6.83 8.52 -1.94
C ALA C 211 -5.84 9.62 -1.55
N LEU C 212 -6.13 10.40 -0.51
CA LEU C 212 -5.23 11.49 -0.05
C LEU C 212 -3.87 10.94 0.26
N LEU C 213 -3.89 9.91 1.13
CA LEU C 213 -2.66 9.25 1.64
C LEU C 213 -1.91 8.45 0.57
N ASN C 214 -2.52 8.22 -0.58
CA ASN C 214 -1.82 7.68 -1.77
C ASN C 214 -1.49 8.70 -2.85
N GLY C 215 -1.48 9.99 -2.49
CA GLY C 215 -1.12 11.08 -3.41
C GLY C 215 -2.12 11.38 -4.51
N CYS C 216 -3.40 11.00 -4.35
CA CYS C 216 -4.47 11.34 -5.33
C CYS C 216 -5.39 12.38 -4.69
N ARG C 217 -5.16 13.68 -5.02
CA ARG C 217 -5.74 14.86 -4.31
C ARG C 217 -6.39 15.95 -5.22
N TRP C 218 -6.47 15.67 -6.53
CA TRP C 218 -6.90 16.72 -7.46
C TRP C 218 -8.34 17.20 -7.15
N TRP C 219 -9.17 16.22 -6.79
CA TRP C 219 -10.61 16.40 -6.57
C TRP C 219 -10.94 17.28 -5.36
N LEU C 220 -9.93 17.52 -4.51
CA LEU C 220 -10.12 18.22 -3.25
C LEU C 220 -10.32 19.77 -3.47
N CYS C 221 -11.56 20.28 -3.25
CA CYS C 221 -11.85 21.72 -3.35
C CYS C 221 -11.88 22.49 -2.01
N SER C 222 -11.47 21.95 -0.88
CA SER C 222 -11.38 22.75 0.40
C SER C 222 -12.65 23.53 0.81
N THR C 223 -13.76 23.00 0.33
CA THR C 223 -15.02 23.48 0.71
C THR C 223 -15.39 22.68 1.91
N ARG C 224 -16.37 23.13 2.67
CA ARG C 224 -16.78 22.32 3.79
C ARG C 224 -18.29 22.38 4.15
N VAL C 225 -18.79 21.30 4.78
CA VAL C 225 -20.19 21.17 5.11
C VAL C 225 -20.33 20.43 6.45
N ASN C 226 -21.25 20.88 7.30
CA ASN C 226 -21.40 20.24 8.60
C ASN C 226 -22.17 18.90 8.43
N VAL C 227 -22.15 18.10 9.49
CA VAL C 227 -22.71 16.73 9.48
C VAL C 227 -24.20 16.69 9.10
N ASP C 228 -24.99 17.48 9.82
CA ASP C 228 -26.44 17.50 9.64
C ASP C 228 -26.83 17.99 8.20
N GLY C 229 -26.10 18.98 7.70
CA GLY C 229 -26.30 19.49 6.34
C GLY C 229 -25.98 18.47 5.26
N PHE C 230 -24.88 17.73 5.44
CA PHE C 230 -24.60 16.59 4.58
C PHE C 230 -25.75 15.54 4.66
N ASN C 231 -26.08 15.12 5.89
CA ASN C 231 -27.14 14.08 6.20
C ASN C 231 -28.47 14.31 5.47
N GLU C 232 -28.88 15.59 5.53
CA GLU C 232 -30.00 16.11 4.76
C GLU C 232 -29.79 15.94 3.24
N TRP C 233 -28.67 16.45 2.72
CA TRP C 233 -28.34 16.28 1.27
C TRP C 233 -28.34 14.80 0.81
N ALA C 234 -27.87 13.95 1.75
CA ALA C 234 -27.75 12.49 1.55
C ALA C 234 -29.09 11.81 1.21
N MET C 235 -30.09 12.09 2.06
CA MET C 235 -31.48 11.66 1.85
C MET C 235 -32.00 12.02 0.46
N ALA C 236 -31.66 13.21 -0.01
CA ALA C 236 -32.08 13.61 -1.34
C ALA C 236 -31.30 12.94 -2.52
N ASN C 237 -30.11 12.38 -2.26
CA ASN C 237 -29.24 11.95 -3.37
C ASN C 237 -28.83 10.47 -3.41
N GLY C 238 -29.26 9.71 -2.40
CA GLY C 238 -29.07 8.26 -2.36
C GLY C 238 -27.80 7.86 -1.62
N TYR C 239 -27.61 8.41 -0.39
CA TYR C 239 -26.37 8.31 0.40
C TYR C 239 -26.92 8.16 1.77
N THR C 240 -26.28 7.36 2.61
CA THR C 240 -26.69 7.22 3.98
C THR C 240 -26.26 8.46 4.67
N SER C 241 -26.57 8.48 5.96
CA SER C 241 -26.00 9.40 6.88
C SER C 241 -24.58 9.04 7.13
N VAL C 242 -23.88 10.02 7.69
CA VAL C 242 -22.49 9.88 8.10
C VAL C 242 -22.53 9.71 9.60
N SER C 243 -21.79 8.73 10.06
CA SER C 243 -21.87 8.27 11.43
C SER C 243 -20.80 9.05 12.21
N SER C 244 -20.10 8.40 13.14
CA SER C 244 -19.18 9.08 14.03
C SER C 244 -18.05 9.76 13.28
N VAL C 245 -18.02 11.09 13.32
CA VAL C 245 -16.92 11.89 12.74
C VAL C 245 -15.52 11.68 13.41
N GLU C 246 -15.55 11.38 14.71
CA GLU C 246 -14.35 11.08 15.55
C GLU C 246 -13.67 9.73 15.26
N CYS C 247 -14.44 8.78 14.73
CA CYS C 247 -13.87 7.56 14.17
C CYS C 247 -12.79 7.87 13.13
N TYR C 248 -12.91 9.00 12.39
CA TYR C 248 -11.90 9.42 11.37
C TYR C 248 -10.77 10.37 11.86
N SER C 249 -10.61 10.50 13.18
CA SER C 249 -9.63 11.43 13.78
C SER C 249 -8.18 11.17 13.31
N ILE C 250 -7.74 9.90 13.35
CA ILE C 250 -6.35 9.58 13.03
C ILE C 250 -6.10 10.02 11.59
N LEU C 251 -7.06 9.76 10.75
CA LEU C 251 -6.93 10.07 9.33
C LEU C 251 -6.91 11.59 8.97
N ALA C 252 -7.81 12.34 9.61
CA ALA C 252 -7.79 13.80 9.58
C ALA C 252 -6.45 14.41 10.07
N ALA C 253 -5.92 13.90 11.20
CA ALA C 253 -4.56 14.26 11.64
C ALA C 253 -3.55 14.05 10.50
N LYS C 254 -3.36 12.81 10.05
CA LYS C 254 -2.30 12.48 9.09
C LYS C 254 -2.44 13.22 7.75
N THR C 255 -3.67 13.44 7.28
CA THR C 255 -3.89 14.18 5.98
C THR C 255 -3.94 15.73 6.08
N GLY C 256 -4.27 16.23 7.28
CA GLY C 256 -4.66 17.62 7.47
C GLY C 256 -5.93 18.04 6.71
N VAL C 257 -6.85 17.09 6.47
CA VAL C 257 -8.16 17.31 5.81
C VAL C 257 -9.28 16.78 6.75
N SER C 258 -10.29 17.63 6.96
CA SER C 258 -11.42 17.32 7.83
C SER C 258 -12.47 16.52 7.05
N VAL C 259 -13.28 15.83 7.83
CA VAL C 259 -14.38 15.04 7.32
C VAL C 259 -15.29 15.95 6.52
N GLU C 260 -15.54 17.09 7.16
CA GLU C 260 -16.49 18.04 6.65
C GLU C 260 -16.02 18.46 5.22
N GLN C 261 -14.70 18.55 5.02
CA GLN C 261 -14.18 18.80 3.65
C GLN C 261 -14.39 17.68 2.63
N LEU C 262 -14.26 16.48 3.13
CA LEU C 262 -14.60 15.32 2.35
C LEU C 262 -16.11 15.22 2.13
N LEU C 263 -16.92 15.58 3.15
CA LEU C 263 -18.41 15.65 2.93
C LEU C 263 -18.75 16.52 1.71
N ALA C 264 -18.11 17.70 1.66
CA ALA C 264 -18.35 18.60 0.54
C ALA C 264 -17.77 18.00 -0.78
N SER C 265 -16.61 17.35 -0.68
CA SER C 265 -16.03 16.70 -1.89
C SER C 265 -16.96 15.58 -2.41
N ILE C 266 -17.62 14.88 -1.48
CA ILE C 266 -18.69 13.92 -1.90
C ILE C 266 -19.81 14.63 -2.71
N GLN C 267 -20.39 15.69 -2.11
CA GLN C 267 -21.42 16.55 -2.77
C GLN C 267 -20.91 16.91 -4.17
N HIS C 268 -19.67 17.43 -4.23
CA HIS C 268 -19.11 17.92 -5.49
C HIS C 268 -18.86 16.74 -6.45
N LEU C 269 -18.35 15.65 -5.88
CA LEU C 269 -17.94 14.49 -6.68
C LEU C 269 -19.09 13.58 -7.07
N HIS C 270 -20.20 13.66 -6.34
CA HIS C 270 -21.43 13.10 -6.83
C HIS C 270 -21.75 13.53 -8.32
N GLU C 271 -21.56 14.82 -8.66
CA GLU C 271 -21.82 15.38 -10.03
C GLU C 271 -20.94 14.77 -11.13
N GLY C 272 -19.95 13.95 -10.77
CA GLY C 272 -19.04 13.30 -11.71
C GLY C 272 -17.62 13.74 -11.47
N PHE C 273 -16.71 12.98 -12.08
CA PHE C 273 -15.27 13.24 -11.97
C PHE C 273 -14.68 14.11 -13.11
N GLY C 274 -15.50 14.36 -14.16
CA GLY C 274 -15.10 14.95 -15.46
C GLY C 274 -13.97 14.25 -16.19
N GLY C 275 -14.17 12.94 -16.35
CA GLY C 275 -13.27 12.03 -17.08
C GLY C 275 -11.98 11.66 -16.36
N LYS C 276 -11.91 11.98 -15.08
CA LYS C 276 -10.67 12.02 -14.31
C LYS C 276 -10.81 10.74 -13.46
N ASN C 277 -9.82 10.41 -12.62
CA ASN C 277 -9.92 9.23 -11.68
C ASN C 277 -9.29 9.37 -10.23
N ILE C 278 -9.80 8.49 -9.34
CA ILE C 278 -9.35 8.36 -7.93
C ILE C 278 -9.05 6.87 -7.62
N LEU C 279 -7.78 6.64 -7.27
CA LEU C 279 -7.21 5.30 -7.12
C LEU C 279 -7.68 4.31 -8.22
N GLY C 280 -7.69 4.82 -9.46
CA GLY C 280 -8.24 4.11 -10.60
C GLY C 280 -9.76 4.06 -10.77
N TYR C 281 -10.53 4.44 -9.76
CA TYR C 281 -12.00 4.49 -9.89
C TYR C 281 -12.45 5.81 -10.52
N SER C 282 -13.34 5.68 -11.51
CA SER C 282 -13.86 6.86 -12.23
C SER C 282 -15.10 7.48 -11.57
N SER C 283 -15.73 6.74 -10.62
CA SER C 283 -16.81 7.26 -9.75
C SER C 283 -16.55 6.96 -8.30
N LEU C 284 -17.36 7.57 -7.44
CA LEU C 284 -17.12 7.48 -6.01
C LEU C 284 -17.28 6.02 -5.60
N CYS C 285 -16.49 5.62 -4.59
CA CYS C 285 -16.35 4.21 -4.18
C CYS C 285 -16.70 4.02 -2.69
N ASP C 286 -17.67 3.15 -2.44
CA ASP C 286 -18.08 2.87 -1.05
C ASP C 286 -17.72 1.44 -0.57
N GLU C 287 -16.85 0.78 -1.34
CA GLU C 287 -16.49 -0.62 -1.10
C GLU C 287 -15.61 -0.85 0.12
N PHE C 288 -15.02 0.17 0.74
CA PHE C 288 -14.04 -0.05 1.79
C PHE C 288 -14.55 0.63 3.06
N THR C 289 -14.44 -0.05 4.17
CA THR C 289 -14.72 0.51 5.41
C THR C 289 -13.53 1.17 5.96
N LEU C 290 -13.78 1.88 7.05
CA LEU C 290 -12.73 2.59 7.70
C LEU C 290 -11.70 1.66 8.26
N ALA C 291 -12.14 0.56 8.86
CA ALA C 291 -11.21 -0.46 9.37
C ALA C 291 -10.37 -1.15 8.27
N GLU C 292 -10.97 -1.50 7.14
CA GLU C 292 -10.26 -1.99 5.95
C GLU C 292 -9.16 -1.02 5.56
N VAL C 293 -9.52 0.28 5.48
CA VAL C 293 -8.64 1.33 5.00
C VAL C 293 -7.49 1.41 5.97
N VAL C 294 -7.78 1.41 7.25
CA VAL C 294 -6.69 1.52 8.19
C VAL C 294 -5.78 0.32 8.18
N LYS C 295 -6.37 -0.88 8.14
CA LYS C 295 -5.62 -2.12 8.03
C LYS C 295 -4.69 -2.15 6.81
N GLN C 296 -5.16 -1.73 5.65
CA GLN C 296 -4.34 -1.71 4.45
C GLN C 296 -3.20 -0.66 4.45
N MET C 297 -3.42 0.49 5.09
CA MET C 297 -2.43 1.57 5.06
C MET C 297 -1.40 1.33 6.17
N TYR C 298 -1.83 0.77 7.29
CA TYR C 298 -1.05 0.82 8.54
C TYR C 298 -0.96 -0.51 9.28
N GLY C 299 -1.66 -1.57 8.89
CA GLY C 299 -1.53 -2.90 9.58
C GLY C 299 -1.91 -3.09 11.04
C10 E8E D . 25.37 37.35 22.35
C20 E8E D . 19.01 34.36 18.51
O01 E8E D . 21.41 33.10 19.03
C02 E8E D . 21.25 34.34 19.38
C03 E8E D . 22.27 35.27 20.03
C05 E8E D . 23.60 34.75 20.42
C07 E8E D . 24.58 35.53 21.02
C08 E8E D . 24.29 36.68 21.76
C12 E8E D . 26.70 36.89 22.24
C14 E8E D . 26.98 35.73 21.53
C16 E8E D . 25.92 35.07 20.93
C74 E8E D . 15.39 38.62 14.60
C82 E8E D . 15.98 39.91 14.58
C80 E8E D . 15.34 40.91 13.87
C78 E8E D . 14.16 40.64 13.15
C76 E8E D . 13.61 39.36 13.16
C73 E8E D . 14.22 38.31 13.87
C70 E8E D . 13.60 37.04 13.89
N68 E8E D . 14.46 36.06 14.61
C66 E8E D . 15.34 35.19 14.04
O67 E8E D . 15.53 35.08 12.82
C57 E8E D . 16.11 34.39 15.05
O58 E8E D . 15.57 34.75 16.40
C40 E8E D . 17.58 34.78 15.07
C42 E8E D . 18.40 34.25 13.85
C45 E8E D . 19.85 34.75 13.84
C54 E8E D . 19.91 36.28 13.61
C51 E8E D . 21.14 36.47 12.74
N49 E8E D . 21.34 35.12 12.09
C47 E8E D . 20.59 34.19 12.69
O48 E8E D . 20.67 32.98 12.43
N38 E8E D . 18.08 34.19 16.33
C36 E8E D . 18.61 35.03 17.28
O37 E8E D . 18.70 36.25 17.17
C22 E8E D . 17.81 34.46 19.47
C25 E8E D . 18.07 33.66 20.77
C34 E8E D . 17.92 32.17 20.57
C26 E8E D . 17.00 34.11 21.83
N18 E8E D . 20.15 35.05 19.09
C1 GOL E . 21.80 17.01 1.58
O1 GOL E . 22.70 17.51 0.60
C2 GOL E . 21.01 15.90 0.94
O2 GOL E . 21.90 14.78 0.75
C3 GOL E . 19.90 15.47 1.86
O3 GOL E . 20.29 14.62 2.99
S DMS F . 28.75 5.47 6.78
O DMS F . 28.50 6.81 6.15
C1 DMS F . 27.78 4.21 6.14
C2 DMS F . 30.35 4.97 6.42
S DMS G . 3.43 12.47 12.57
O DMS G . 4.05 11.13 12.70
C1 DMS G . 1.83 12.34 11.92
C2 DMS G . 3.33 13.19 14.14
S SO4 H . 35.19 26.50 9.18
O1 SO4 H . 36.68 26.73 9.16
O2 SO4 H . 34.78 25.47 8.16
O3 SO4 H . 34.72 26.04 10.52
O4 SO4 H . 34.51 27.76 8.73
C10 E8E I . 12.52 5.07 -5.25
C20 E8E I . 12.29 -2.65 -1.26
O01 E8E I . 11.42 -1.19 -3.48
C02 E8E I . 12.16 -0.64 -2.62
C03 E8E I . 12.70 0.79 -2.79
C05 E8E I . 12.26 1.65 -3.93
C07 E8E I . 12.77 2.93 -4.16
C08 E8E I . 12.04 3.80 -4.97
C12 E8E I . 13.74 5.50 -4.74
C14 E8E I . 14.50 4.65 -3.94
C16 E8E I . 14.02 3.36 -3.65
C74 E8E I . 10.06 -5.30 7.39
C82 E8E I . 10.07 -4.18 8.23
C80 E8E I . 10.30 -2.91 7.69
C78 E8E I . 10.51 -2.79 6.31
C76 E8E I . 10.52 -3.91 5.47
C73 E8E I . 10.29 -5.19 5.99
C70 E8E I . 10.27 -6.39 5.19
N68 E8E I . 10.46 -6.07 3.72
C66 E8E I . 9.54 -5.96 2.76
O67 E8E I . 8.33 -6.08 2.93
C57 E8E I . 10.11 -5.54 1.36
O58 E8E I . 11.54 -5.52 1.49
C40 E8E I . 9.54 -4.14 0.88
C42 E8E I . 8.03 -4.12 0.50
C45 E8E I . 7.51 -2.68 0.35
C54 E8E I . 7.55 -1.95 1.74
C51 E8E I . 6.49 -0.87 1.56
N49 E8E I . 5.54 -1.54 0.54
C47 E8E I . 6.16 -2.58 -0.09
O48 E8E I . 5.65 -3.26 -1.01
N38 E8E I . 10.41 -3.67 -0.23
C36 E8E I . 11.36 -2.77 -0.04
O37 E8E I . 11.64 -2.23 1.04
C22 E8E I . 13.58 -3.35 -0.89
C25 E8E I . 14.43 -3.96 -2.00
C34 E8E I . 15.93 -3.96 -1.61
C26 E8E I . 14.32 -3.47 -3.40
N18 E8E I . 12.60 -1.27 -1.52
C1 GOL J . -8.58 -13.79 -11.31
O1 GOL J . -8.19 -12.49 -10.88
C2 GOL J . -7.31 -14.58 -11.43
O2 GOL J . -7.35 -15.76 -10.63
C3 GOL J . -7.13 -15.12 -12.81
O3 GOL J . -5.72 -15.49 -12.94
C1 GOL K . 10.98 2.76 -0.19
O1 GOL K . 11.54 1.80 0.73
C2 GOL K . 9.89 2.13 -1.08
O2 GOL K . 9.36 3.06 -2.05
C3 GOL K . 8.78 1.50 -0.22
O3 GOL K . 7.48 2.11 -0.39
C1 GOL L . 23.30 -7.72 -9.10
O1 GOL L . 23.76 -7.08 -7.86
C2 GOL L . 23.65 -9.20 -9.14
O2 GOL L . 24.97 -9.22 -9.61
C3 GOL L . 22.78 -9.95 -10.11
O3 GOL L . 22.88 -11.36 -9.89
C10 E8E M . -38.05 -14.46 -11.50
C20 E8E M . -33.26 -18.72 -6.73
O01 E8E M . -34.54 -15.98 -6.25
C02 E8E M . -34.61 -16.65 -7.31
C03 E8E M . -35.40 -16.08 -8.48
C05 E8E M . -36.14 -14.76 -8.33
C07 E8E M . -36.84 -14.24 -9.41
C08 E8E M . -37.36 -15.04 -10.45
C12 E8E M . -38.23 -13.08 -11.51
C14 E8E M . -37.72 -12.29 -10.49
C16 E8E M . -37.02 -12.86 -9.43
C74 E8E M . -29.85 -23.68 -10.24
C82 E8E M . -30.15 -23.75 -11.62
C80 E8E M . -29.57 -24.75 -12.45
C78 E8E M . -28.68 -25.67 -11.86
C76 E8E M . -28.36 -25.59 -10.48
C73 E8E M . -28.94 -24.61 -9.66
C70 E8E M . -28.59 -24.63 -8.31
N68 E8E M . -29.22 -23.43 -7.67
C66 E8E M . -28.58 -22.31 -7.33
O67 E8E M . -27.40 -22.04 -7.57
C57 E8E M . -29.49 -21.34 -6.62
O58 E8E M . -30.70 -22.05 -6.39
C40 E8E M . -29.84 -20.09 -7.50
C42 E8E M . -28.68 -19.00 -7.69
C45 E8E M . -28.98 -17.95 -8.82
C54 E8E M . -28.89 -18.63 -10.16
C51 E8E M . -28.32 -17.59 -11.06
N49 E8E M . -27.56 -16.73 -10.11
C47 E8E M . -27.98 -16.92 -8.88
O48 E8E M . -27.54 -16.31 -7.89
N38 E8E M . -31.00 -19.47 -6.85
C36 E8E M . -32.16 -19.36 -7.52
O37 E8E M . -32.37 -19.80 -8.66
C22 E8E M . -33.97 -19.95 -6.07
C25 E8E M . -35.25 -19.59 -5.34
C34 E8E M . -35.05 -18.45 -4.31
C26 E8E M . -35.84 -20.84 -4.64
N18 E8E M . -34.10 -17.90 -7.63
C1 GOL N . -0.99 -6.07 7.78
O1 GOL N . -1.26 -6.56 9.12
C2 GOL N . -2.09 -6.50 6.78
O2 GOL N . -3.28 -6.85 7.50
C3 GOL N . -2.46 -5.47 5.66
O3 GOL N . -3.62 -5.91 4.86
#